data_4YDU
#
_entry.id   4YDU
#
_cell.length_a   63.620
_cell.length_b   68.480
_cell.length_c   87.070
_cell.angle_alpha   109.38
_cell.angle_beta   92.66
_cell.angle_gamma   117.66
#
_symmetry.space_group_name_H-M   'P 1'
#
loop_
_entity.id
_entity.type
_entity.pdbx_description
1 polymer 'tRNA N6-adenosine threonylcarbamoyltransferase'
2 polymer 'tRNA threonylcarbamoyladenosine biosynthesis protein TsaB'
3 non-polymer "ADENOSINE-5'-DIPHOSPHATE"
4 non-polymer 'MAGNESIUM ION'
5 non-polymer 'FE (III) ION'
6 non-polymer 'ACETATE ION'
7 water water
#
loop_
_entity_poly.entity_id
_entity_poly.type
_entity_poly.pdbx_seq_one_letter_code
_entity_poly.pdbx_strand_id
1 'polypeptide(L)'
;MRVLGIETSCDETGIAIYDDEKGLLANQLYSQVKLHADYGGVVPELASRDHVRKTVPLIQAALKESGLTAKDIDAVAYTA
GPGLVGALLVGATVGRSLAFAWDVPAIPVHHMEGHLLAPMLEDNPPEFPFVALLVSGGHTQLISVTGIGQYELLGESIDD
AAGEAFDKTAKLLGLDYPGGPLLSKMAAQGTAGRFVFPRPMTDRPGLDFSFSGLKTFAANTIRDNGTDDQTRADIARAFE
DAVVDTLMIKCKRALDQTGFKRLVMAGGVSANRTLRAKLAEMMKKRRGEVFYARPEFCTDNGAMIAYAGMVRFKAGATAD
LGVSVRPRWPLAELPAAHHHHHH
;
A,B
2 'polypeptide(L)'
;MRILAIDTATEACSVALWNDGTVNAHFELCPREHTQRILPMVQDILTTSGTSLTDINALAYGRGPGSFTGVRIGIGIAQG
LALGAELPMIGVSTLMTMAQGAWRKNGATRVLAAIDARMGEVYWAEYQRDENGIWHGEETEAVLKPEIVHERMQQLSGEW
VTVGTGWQAWPDLGKESGLVLRDGEVLLPAAEDMLPIACQMFAEGKTVAVEHAEPVYLRNNVAWKKLPGKEHHHHHH
;
C,D
#
# COMPACT_ATOMS: atom_id res chain seq x y z
N MET A 1 30.04 -20.98 -19.97
CA MET A 1 29.38 -20.51 -18.73
C MET A 1 27.87 -20.76 -18.77
N ARG A 2 27.30 -21.12 -17.61
CA ARG A 2 25.87 -21.35 -17.49
C ARG A 2 25.26 -20.69 -16.25
N VAL A 3 24.07 -20.12 -16.42
CA VAL A 3 23.40 -19.41 -15.38
C VAL A 3 22.03 -20.02 -15.17
N LEU A 4 21.70 -20.35 -13.91
CA LEU A 4 20.31 -20.69 -13.55
C LEU A 4 19.50 -19.44 -13.29
N GLY A 5 18.37 -19.31 -13.96
CA GLY A 5 17.50 -18.15 -13.79
C GLY A 5 16.16 -18.42 -13.14
N ILE A 6 15.75 -17.52 -12.23
CA ILE A 6 14.52 -17.74 -11.44
C ILE A 6 13.61 -16.57 -11.50
N GLU A 7 12.37 -16.80 -11.91
CA GLU A 7 11.40 -15.72 -12.14
C GLU A 7 10.14 -15.99 -11.34
N THR A 8 9.84 -15.11 -10.37
CA THR A 8 8.66 -15.22 -9.53
C THR A 8 8.12 -13.83 -9.20
N SER A 9 8.02 -12.97 -10.21
CA SER A 9 7.68 -11.58 -9.97
C SER A 9 6.21 -11.33 -9.73
N CYS A 10 5.34 -12.16 -10.31
CA CYS A 10 3.88 -11.99 -10.16
C CYS A 10 3.21 -13.35 -10.08
N ASP A 11 2.70 -13.88 -11.19
CA ASP A 11 1.93 -15.12 -11.15
C ASP A 11 2.38 -16.29 -12.05
N GLU A 12 3.62 -16.23 -12.48
CA GLU A 12 4.27 -17.27 -13.26
C GLU A 12 5.53 -17.61 -12.48
N THR A 13 5.75 -18.89 -12.26
CA THR A 13 7.02 -19.35 -11.77
C THR A 13 7.81 -19.83 -12.97
N GLY A 14 8.97 -19.25 -13.19
CA GLY A 14 9.77 -19.64 -14.34
C GLY A 14 11.21 -19.89 -13.92
N ILE A 15 11.76 -21.04 -14.37
CA ILE A 15 13.15 -21.42 -14.17
C ILE A 15 13.78 -21.77 -15.53
N ALA A 16 14.97 -21.24 -15.79
CA ALA A 16 15.66 -21.59 -17.03
C ALA A 16 17.16 -21.67 -16.81
N ILE A 17 17.83 -22.40 -17.68
CA ILE A 17 19.29 -22.45 -17.70
C ILE A 17 19.79 -21.98 -19.06
N TYR A 18 20.67 -20.99 -19.03
CA TYR A 18 21.24 -20.40 -20.23
C TYR A 18 22.75 -20.56 -20.24
N ASP A 19 23.25 -21.14 -21.31
CA ASP A 19 24.64 -21.45 -21.47
C ASP A 19 25.10 -20.54 -22.62
N ASP A 20 26.20 -19.80 -22.46
CA ASP A 20 26.57 -18.85 -23.51
C ASP A 20 27.21 -19.46 -24.71
N GLU A 21 27.63 -20.73 -24.64
CA GLU A 21 28.15 -21.44 -25.81
C GLU A 21 26.96 -22.11 -26.52
N LYS A 22 26.16 -22.85 -25.76
CA LYS A 22 25.15 -23.72 -26.35
C LYS A 22 23.73 -23.18 -26.33
N GLY A 23 23.50 -22.06 -25.68
CA GLY A 23 22.18 -21.49 -25.62
C GLY A 23 21.31 -21.98 -24.48
N LEU A 24 20.01 -21.95 -24.68
CA LEU A 24 19.08 -22.31 -23.66
C LEU A 24 18.98 -23.85 -23.45
N LEU A 25 19.37 -24.28 -22.27
CA LEU A 25 19.42 -25.70 -21.97
C LEU A 25 18.18 -26.20 -21.21
N ALA A 26 17.45 -25.29 -20.59
CA ALA A 26 16.22 -25.63 -19.88
C ALA A 26 15.30 -24.42 -19.78
N ASN A 27 14.02 -24.70 -19.78
CA ASN A 27 13.03 -23.66 -19.56
C ASN A 27 11.79 -24.33 -18.97
N GLN A 28 11.51 -24.03 -17.70
CA GLN A 28 10.34 -24.55 -17.01
C GLN A 28 9.46 -23.39 -16.67
N LEU A 29 8.16 -23.59 -16.77
CA LEU A 29 7.21 -22.52 -16.53
C LEU A 29 5.92 -23.06 -15.95
N TYR A 30 5.48 -22.50 -14.81
CA TYR A 30 4.15 -22.74 -14.28
C TYR A 30 3.39 -21.45 -14.16
N SER A 31 2.19 -21.44 -14.74
CA SER A 31 1.38 -20.27 -14.69
C SER A 31 0.24 -20.50 -13.74
N GLN A 32 -0.02 -19.49 -12.90
CA GLN A 32 -1.06 -19.55 -11.89
C GLN A 32 -2.41 -19.08 -12.43
N VAL A 33 -2.54 -18.84 -13.73
CA VAL A 33 -3.72 -18.12 -14.19
C VAL A 33 -5.05 -18.70 -13.74
N LYS A 34 -5.15 -20.02 -13.64
CA LYS A 34 -6.41 -20.68 -13.18
C LYS A 34 -6.75 -20.35 -11.71
N LEU A 35 -5.72 -20.22 -10.88
CA LEU A 35 -5.87 -19.85 -9.48
C LEU A 35 -6.48 -18.45 -9.31
N HIS A 36 -6.06 -17.49 -10.15
CA HIS A 36 -6.47 -16.10 -9.99
C HIS A 36 -7.72 -15.73 -10.78
N ALA A 37 -7.94 -16.44 -11.90
CA ALA A 37 -9.09 -16.18 -12.78
C ALA A 37 -10.41 -16.07 -12.02
N ASP A 38 -10.62 -16.99 -11.07
CA ASP A 38 -11.82 -16.95 -10.22
C ASP A 38 -12.03 -15.61 -9.52
N TYR A 39 -10.94 -14.88 -9.32
CA TYR A 39 -10.94 -13.57 -8.62
C TYR A 39 -10.89 -12.27 -9.50
N GLY A 40 -10.64 -12.40 -10.80
CA GLY A 40 -10.57 -11.23 -11.68
C GLY A 40 -9.30 -10.39 -11.53
N GLY A 41 -8.30 -10.96 -10.86
CA GLY A 41 -7.08 -10.29 -10.59
C GLY A 41 -6.16 -11.20 -9.79
N VAL A 42 -4.88 -10.86 -9.69
CA VAL A 42 -3.91 -11.68 -8.95
C VAL A 42 -4.04 -11.42 -7.43
N VAL A 43 -4.31 -12.48 -6.67
CA VAL A 43 -4.39 -12.36 -5.23
C VAL A 43 -3.01 -12.61 -4.69
N PRO A 44 -2.40 -11.57 -4.08
CA PRO A 44 -1.00 -11.69 -3.71
C PRO A 44 -0.70 -12.85 -2.75
N GLU A 45 -1.57 -13.05 -1.76
CA GLU A 45 -1.29 -14.09 -0.78
C GLU A 45 -1.19 -15.45 -1.48
N LEU A 46 -2.13 -15.70 -2.38
CA LEU A 46 -2.19 -16.95 -3.12
C LEU A 46 -1.05 -17.09 -4.10
N ALA A 47 -0.69 -15.97 -4.72
CA ALA A 47 0.43 -16.00 -5.66
C ALA A 47 1.68 -16.43 -4.89
N SER A 48 1.91 -15.75 -3.77
CA SER A 48 3.08 -16.04 -2.91
C SER A 48 3.10 -17.53 -2.50
N ARG A 49 1.98 -18.05 -2.01
CA ARG A 49 1.87 -19.47 -1.63
C ARG A 49 2.20 -20.43 -2.78
N ASP A 50 1.78 -20.09 -3.98
CA ASP A 50 1.97 -21.02 -5.05
C ASP A 50 3.38 -20.96 -5.58
N HIS A 51 4.05 -19.82 -5.43
CA HIS A 51 5.48 -19.78 -5.76
C HIS A 51 6.25 -20.74 -4.90
N VAL A 52 5.91 -20.79 -3.63
CA VAL A 52 6.55 -21.77 -2.78
C VAL A 52 6.32 -23.18 -3.29
N ARG A 53 5.11 -23.50 -3.74
CA ARG A 53 4.85 -24.86 -4.16
C ARG A 53 5.69 -25.14 -5.39
N LYS A 54 5.98 -24.14 -6.22
CA LYS A 54 6.54 -24.45 -7.53
C LYS A 54 8.03 -24.25 -7.71
N THR A 55 8.63 -23.41 -6.91
CA THR A 55 9.96 -22.96 -7.26
C THR A 55 10.97 -24.10 -7.21
N VAL A 56 11.08 -24.73 -6.07
CA VAL A 56 12.04 -25.81 -5.92
C VAL A 56 11.79 -26.96 -6.92
N PRO A 57 10.54 -27.42 -7.09
CA PRO A 57 10.33 -28.49 -8.06
C PRO A 57 10.68 -28.14 -9.48
N LEU A 58 10.42 -26.91 -9.89
CA LEU A 58 10.80 -26.51 -11.24
C LEU A 58 12.30 -26.30 -11.37
N ILE A 59 13.00 -25.97 -10.29
CA ILE A 59 14.43 -25.98 -10.35
C ILE A 59 14.92 -27.41 -10.58
N GLN A 60 14.37 -28.37 -9.86
CA GLN A 60 14.82 -29.75 -9.99
C GLN A 60 14.51 -30.24 -11.41
N ALA A 61 13.38 -29.78 -11.97
CA ALA A 61 13.04 -30.25 -13.28
C ALA A 61 14.03 -29.65 -14.33
N ALA A 62 14.39 -28.39 -14.17
CA ALA A 62 15.33 -27.69 -15.00
C ALA A 62 16.69 -28.43 -15.06
N LEU A 63 17.24 -28.76 -13.91
CA LEU A 63 18.49 -29.51 -13.90
C LEU A 63 18.37 -30.85 -14.58
N LYS A 64 17.29 -31.58 -14.28
CA LYS A 64 17.08 -32.87 -14.91
C LYS A 64 16.91 -32.66 -16.43
N GLU A 65 16.09 -31.69 -16.85
CA GLU A 65 15.84 -31.43 -18.27
C GLU A 65 17.18 -31.25 -18.97
N SER A 66 18.00 -30.35 -18.44
CA SER A 66 19.28 -30.03 -19.04
C SER A 66 20.34 -31.13 -18.88
N GLY A 67 20.06 -32.12 -18.06
CA GLY A 67 21.03 -33.14 -17.68
C GLY A 67 22.28 -32.62 -16.98
N LEU A 68 22.13 -31.55 -16.21
CA LEU A 68 23.25 -31.00 -15.51
C LEU A 68 23.12 -31.27 -14.04
N THR A 69 24.19 -30.98 -13.31
CA THR A 69 24.21 -31.14 -11.90
C THR A 69 24.69 -29.82 -11.36
N ALA A 70 24.65 -29.69 -10.05
CA ALA A 70 24.98 -28.46 -9.39
C ALA A 70 26.27 -27.85 -9.90
N LYS A 71 27.30 -28.65 -10.04
CA LYS A 71 28.63 -28.13 -10.30
C LYS A 71 28.72 -27.47 -11.68
N ASP A 72 27.78 -27.79 -12.56
CA ASP A 72 27.79 -27.20 -13.87
C ASP A 72 27.20 -25.81 -13.90
N ILE A 73 26.71 -25.30 -12.79
CA ILE A 73 26.06 -23.99 -12.78
C ILE A 73 27.08 -23.00 -12.28
N ASP A 74 27.28 -21.89 -13.00
CA ASP A 74 28.25 -20.85 -12.61
C ASP A 74 27.68 -19.73 -11.74
N ALA A 75 26.38 -19.45 -11.93
CA ALA A 75 25.70 -18.44 -11.14
C ALA A 75 24.19 -18.64 -11.14
N VAL A 76 23.56 -18.04 -10.14
CA VAL A 76 22.13 -18.13 -9.97
C VAL A 76 21.58 -16.72 -9.97
N ALA A 77 20.67 -16.47 -10.89
CA ALA A 77 20.08 -15.17 -11.02
C ALA A 77 18.63 -15.28 -10.67
N TYR A 78 18.09 -14.20 -10.12
CA TYR A 78 16.73 -14.20 -9.70
C TYR A 78 16.14 -12.79 -9.80
N THR A 79 14.86 -12.77 -10.16
CA THR A 79 14.15 -11.50 -10.32
C THR A 79 13.97 -10.83 -8.98
N ALA A 80 14.55 -9.64 -8.81
CA ALA A 80 14.46 -8.98 -7.53
C ALA A 80 13.42 -7.92 -7.53
N GLY A 81 12.84 -7.65 -8.68
CA GLY A 81 11.88 -6.56 -8.83
C GLY A 81 11.89 -6.07 -10.27
N PRO A 82 10.92 -5.25 -10.65
CA PRO A 82 9.73 -4.90 -9.91
C PRO A 82 8.73 -6.04 -9.90
N GLY A 83 7.67 -5.93 -9.11
CA GLY A 83 6.67 -6.96 -9.04
C GLY A 83 6.06 -6.97 -7.64
N LEU A 84 5.35 -8.05 -7.29
CA LEU A 84 4.77 -8.18 -5.96
C LEU A 84 5.81 -8.63 -4.97
N VAL A 85 5.85 -7.90 -3.88
CA VAL A 85 6.81 -8.20 -2.86
C VAL A 85 6.80 -9.68 -2.45
N GLY A 86 5.59 -10.21 -2.19
CA GLY A 86 5.36 -11.52 -1.70
C GLY A 86 5.87 -12.56 -2.65
N ALA A 87 5.70 -12.32 -3.94
CA ALA A 87 6.09 -13.27 -4.91
C ALA A 87 7.58 -13.19 -5.12
N LEU A 88 8.05 -11.98 -5.29
CA LEU A 88 9.45 -11.72 -5.53
C LEU A 88 10.28 -12.38 -4.42
N LEU A 89 9.81 -12.30 -3.16
CA LEU A 89 10.56 -12.82 -2.05
C LEU A 89 10.79 -14.30 -2.15
N VAL A 90 9.82 -15.03 -2.70
CA VAL A 90 9.98 -16.51 -2.78
C VAL A 90 11.19 -16.84 -3.68
N GLY A 91 11.24 -16.30 -4.89
CA GLY A 91 12.30 -16.63 -5.79
C GLY A 91 13.63 -16.07 -5.31
N ALA A 92 13.61 -14.96 -4.60
CA ALA A 92 14.89 -14.36 -4.18
C ALA A 92 15.50 -15.08 -3.00
N THR A 93 14.66 -15.47 -2.05
CA THR A 93 15.17 -16.24 -0.92
C THR A 93 15.73 -17.60 -1.38
N VAL A 94 14.96 -18.38 -2.15
CA VAL A 94 15.46 -19.65 -2.69
C VAL A 94 16.74 -19.45 -3.47
N GLY A 95 16.74 -18.48 -4.37
CA GLY A 95 17.87 -18.28 -5.25
C GLY A 95 19.10 -17.83 -4.54
N ARG A 96 18.96 -16.85 -3.66
CA ARG A 96 20.15 -16.35 -2.96
C ARG A 96 20.78 -17.43 -2.05
N SER A 97 19.91 -18.16 -1.35
CA SER A 97 20.34 -19.19 -0.47
C SER A 97 20.91 -20.40 -1.26
N LEU A 98 20.31 -20.72 -2.42
CA LEU A 98 20.89 -21.75 -3.27
C LEU A 98 22.32 -21.34 -3.71
N ALA A 99 22.45 -20.11 -4.18
CA ALA A 99 23.73 -19.59 -4.58
C ALA A 99 24.73 -19.72 -3.44
N PHE A 100 24.32 -19.39 -2.21
CA PHE A 100 25.16 -19.55 -1.07
C PHE A 100 25.59 -21.00 -0.88
N ALA A 101 24.68 -21.95 -0.95
CA ALA A 101 25.01 -23.36 -0.74
C ALA A 101 25.87 -23.92 -1.84
N TRP A 102 25.57 -23.57 -3.11
CA TRP A 102 26.46 -23.97 -4.25
C TRP A 102 27.85 -23.21 -4.27
N ASP A 103 27.93 -22.15 -3.47
CA ASP A 103 29.05 -21.25 -3.42
C ASP A 103 29.34 -20.65 -4.81
N VAL A 104 28.30 -20.07 -5.38
CA VAL A 104 28.40 -19.37 -6.65
C VAL A 104 27.76 -17.99 -6.52
N PRO A 105 28.11 -17.07 -7.43
CA PRO A 105 27.53 -15.75 -7.39
C PRO A 105 26.04 -15.79 -7.59
N ALA A 106 25.38 -14.84 -6.92
CA ALA A 106 23.96 -14.61 -6.99
C ALA A 106 23.79 -13.26 -7.70
N ILE A 107 22.91 -13.24 -8.68
CA ILE A 107 22.74 -12.10 -9.58
C ILE A 107 21.28 -11.57 -9.52
N PRO A 108 21.04 -10.48 -8.82
CA PRO A 108 19.65 -9.99 -8.82
C PRO A 108 19.34 -9.31 -10.13
N VAL A 109 18.18 -9.62 -10.68
CA VAL A 109 17.80 -9.15 -12.01
C VAL A 109 16.54 -8.29 -11.99
N HIS A 110 16.61 -7.23 -12.76
CA HIS A 110 15.50 -6.31 -12.95
C HIS A 110 14.56 -6.95 -13.97
N HIS A 111 13.31 -7.20 -13.55
CA HIS A 111 12.34 -7.94 -14.39
C HIS A 111 12.13 -7.36 -15.82
N MET A 112 12.11 -6.04 -15.93
CA MET A 112 11.92 -5.38 -17.22
C MET A 112 13.18 -5.37 -18.07
N GLU A 113 14.34 -5.47 -17.46
CA GLU A 113 15.56 -5.65 -18.24
C GLU A 113 15.55 -7.05 -18.79
N GLY A 114 15.01 -7.98 -18.03
CA GLY A 114 14.76 -9.32 -18.59
C GLY A 114 13.93 -9.24 -19.87
N HIS A 115 12.78 -8.57 -19.80
CA HIS A 115 11.91 -8.41 -20.98
C HIS A 115 12.64 -7.78 -22.12
N LEU A 116 13.34 -6.68 -21.83
CA LEU A 116 14.10 -5.91 -22.81
C LEU A 116 15.09 -6.75 -23.61
N LEU A 117 15.76 -7.67 -22.91
CA LEU A 117 16.77 -8.48 -23.48
C LEU A 117 16.28 -9.82 -23.99
N ALA A 118 15.00 -10.16 -23.83
CA ALA A 118 14.54 -11.43 -24.38
C ALA A 118 14.81 -11.62 -25.89
N PRO A 119 14.67 -10.58 -26.71
CA PRO A 119 15.04 -10.73 -28.13
C PRO A 119 16.48 -11.21 -28.38
N MET A 120 17.36 -11.00 -27.40
CA MET A 120 18.70 -11.44 -27.57
C MET A 120 18.73 -12.96 -27.57
N LEU A 121 17.63 -13.62 -27.20
CA LEU A 121 17.62 -15.06 -27.14
C LEU A 121 17.36 -15.71 -28.49
N GLU A 122 16.99 -14.94 -29.48
CA GLU A 122 16.72 -15.45 -30.81
C GLU A 122 17.94 -15.30 -31.70
N ASP A 123 17.85 -15.81 -32.94
CA ASP A 123 18.89 -15.57 -33.97
C ASP A 123 18.87 -14.08 -34.39
N ASN A 124 20.00 -13.58 -34.85
CA ASN A 124 20.04 -12.18 -35.32
C ASN A 124 19.47 -11.20 -34.25
N PRO A 125 20.17 -11.06 -33.13
CA PRO A 125 19.75 -10.14 -32.11
C PRO A 125 20.11 -8.70 -32.47
N PRO A 126 19.37 -7.73 -31.92
CA PRO A 126 19.67 -6.32 -32.17
C PRO A 126 21.00 -5.82 -31.54
N GLU A 127 21.73 -5.03 -32.32
CA GLU A 127 22.93 -4.33 -31.89
C GLU A 127 22.51 -2.96 -31.38
N PHE A 128 23.33 -2.38 -30.51
CA PHE A 128 23.01 -1.07 -29.98
C PHE A 128 23.37 -0.03 -31.03
N PRO A 129 22.64 1.09 -31.10
CA PRO A 129 21.47 1.52 -30.32
C PRO A 129 20.14 1.14 -30.95
N PHE A 130 19.11 1.11 -30.11
CA PHE A 130 17.76 0.88 -30.58
C PHE A 130 16.76 1.58 -29.70
N VAL A 131 15.59 1.82 -30.24
CA VAL A 131 14.43 2.16 -29.44
C VAL A 131 13.76 0.91 -28.94
N ALA A 132 13.42 0.89 -27.67
CA ALA A 132 12.70 -0.23 -27.06
C ALA A 132 11.33 0.23 -26.68
N LEU A 133 10.33 -0.54 -27.11
CA LEU A 133 8.95 -0.39 -26.71
C LEU A 133 8.66 -1.52 -25.68
N LEU A 134 8.58 -1.17 -24.39
CA LEU A 134 8.25 -2.12 -23.35
C LEU A 134 6.80 -1.98 -23.12
N VAL A 135 6.09 -3.05 -23.34
CA VAL A 135 4.66 -3.01 -23.35
C VAL A 135 4.15 -4.30 -22.61
N SER A 136 3.82 -4.12 -21.34
CA SER A 136 3.48 -5.26 -20.47
C SER A 136 2.17 -5.00 -19.73
N GLY A 137 1.89 -5.82 -18.72
CA GLY A 137 0.66 -5.69 -17.93
C GLY A 137 0.57 -4.34 -17.23
N GLY A 138 1.63 -4.00 -16.51
CA GLY A 138 1.67 -2.72 -15.86
C GLY A 138 2.68 -1.72 -16.37
N HIS A 139 3.39 -2.00 -17.48
CA HIS A 139 4.33 -1.01 -18.04
C HIS A 139 4.04 -0.72 -19.49
N THR A 140 4.25 0.52 -19.89
CA THR A 140 4.22 0.92 -21.29
C THR A 140 5.17 2.10 -21.49
N GLN A 141 6.38 1.80 -22.00
CA GLN A 141 7.46 2.78 -22.09
C GLN A 141 8.20 2.75 -23.41
N LEU A 142 8.65 3.94 -23.85
CA LEU A 142 9.56 4.04 -24.96
C LEU A 142 10.91 4.37 -24.41
N ILE A 143 11.91 3.59 -24.79
CA ILE A 143 13.24 3.77 -24.27
C ILE A 143 14.26 3.88 -25.38
N SER A 144 15.18 4.82 -25.25
CA SER A 144 16.39 4.84 -26.03
C SER A 144 17.52 4.06 -25.36
N VAL A 145 17.92 2.99 -26.04
CA VAL A 145 18.87 2.07 -25.51
C VAL A 145 20.14 2.17 -26.30
N THR A 146 21.21 2.57 -25.62
CA THR A 146 22.53 2.76 -26.20
C THR A 146 23.53 1.69 -25.74
N GLY A 147 23.13 0.87 -24.78
CA GLY A 147 24.00 -0.20 -24.30
C GLY A 147 23.42 -0.78 -23.02
N ILE A 148 24.13 -1.70 -22.40
CA ILE A 148 23.57 -2.35 -21.21
C ILE A 148 23.53 -1.33 -20.10
N GLY A 149 22.31 -1.05 -19.65
CA GLY A 149 22.10 -0.22 -18.50
C GLY A 149 22.17 1.25 -18.84
N GLN A 150 22.06 1.55 -20.12
CA GLN A 150 21.98 2.94 -20.58
C GLN A 150 20.64 3.05 -21.25
N TYR A 151 19.63 3.33 -20.41
CA TYR A 151 18.26 3.41 -20.83
C TYR A 151 17.74 4.80 -20.58
N GLU A 152 17.39 5.50 -21.63
CA GLU A 152 16.89 6.84 -21.44
C GLU A 152 15.42 6.76 -21.72
N LEU A 153 14.61 7.18 -20.76
CA LEU A 153 13.18 7.17 -20.95
C LEU A 153 12.78 8.25 -21.93
N LEU A 154 11.89 7.93 -22.86
CA LEU A 154 11.49 8.87 -23.88
C LEU A 154 10.00 9.20 -23.83
N GLY A 155 9.22 8.21 -23.42
CA GLY A 155 7.76 8.34 -23.34
C GLY A 155 7.28 7.24 -22.44
N GLU A 156 6.14 7.42 -21.76
CA GLU A 156 5.55 6.36 -20.91
C GLU A 156 4.07 6.61 -20.73
N SER A 157 3.35 5.66 -20.14
CA SER A 157 1.90 5.87 -19.97
C SER A 157 1.70 6.72 -18.74
N ILE A 158 0.71 7.58 -18.79
CA ILE A 158 0.40 8.44 -17.67
C ILE A 158 -0.76 7.87 -16.86
N ASP A 159 -1.32 6.76 -17.35
CA ASP A 159 -2.43 6.09 -16.68
C ASP A 159 -2.35 4.55 -16.78
N ASP A 160 -3.16 3.93 -17.63
CA ASP A 160 -3.04 2.48 -17.88
C ASP A 160 -1.94 2.12 -18.82
N ALA A 161 -1.23 1.05 -18.50
CA ALA A 161 -0.34 0.35 -19.47
C ALA A 161 -1.16 -0.37 -20.56
N ALA A 162 -0.52 -0.67 -21.70
CA ALA A 162 -1.23 -1.33 -22.81
C ALA A 162 -1.85 -2.67 -22.40
N GLY A 163 -1.13 -3.45 -21.60
CA GLY A 163 -1.63 -4.75 -21.16
C GLY A 163 -2.93 -4.64 -20.36
N GLU A 164 -2.92 -3.77 -19.33
CA GLU A 164 -4.09 -3.47 -18.48
C GLU A 164 -5.24 -3.11 -19.37
N ALA A 165 -4.95 -2.23 -20.35
CA ALA A 165 -5.97 -1.79 -21.28
C ALA A 165 -6.60 -2.97 -22.00
N PHE A 166 -5.77 -3.89 -22.52
CA PHE A 166 -6.28 -5.13 -23.13
C PHE A 166 -7.14 -5.93 -22.10
N ASP A 167 -6.59 -6.19 -20.93
CA ASP A 167 -7.34 -7.00 -19.91
C ASP A 167 -8.63 -6.38 -19.44
N LYS A 168 -8.59 -5.07 -19.21
CA LYS A 168 -9.78 -4.36 -18.77
C LYS A 168 -10.84 -4.42 -19.83
N THR A 169 -10.46 -4.26 -21.09
CA THR A 169 -11.48 -4.30 -22.14
C THR A 169 -11.97 -5.71 -22.38
N ALA A 170 -11.10 -6.69 -22.26
CA ALA A 170 -11.51 -8.06 -22.40
C ALA A 170 -12.59 -8.42 -21.36
N LYS A 171 -12.39 -7.99 -20.10
CA LYS A 171 -13.36 -8.25 -19.03
C LYS A 171 -14.73 -7.68 -19.42
N LEU A 172 -14.76 -6.47 -19.98
CA LEU A 172 -16.02 -5.90 -20.43
C LEU A 172 -16.67 -6.77 -21.51
N LEU A 173 -15.87 -7.45 -22.31
CA LEU A 173 -16.41 -8.34 -23.32
C LEU A 173 -16.75 -9.72 -22.78
N GLY A 174 -16.75 -9.87 -21.46
CA GLY A 174 -17.08 -11.14 -20.78
C GLY A 174 -16.04 -12.26 -20.77
N LEU A 175 -14.77 -11.93 -21.02
CA LEU A 175 -13.68 -12.92 -21.07
C LEU A 175 -13.01 -13.12 -19.68
N ASP A 176 -12.34 -14.24 -19.46
CA ASP A 176 -11.66 -14.46 -18.16
C ASP A 176 -10.32 -13.80 -18.11
N TYR A 177 -9.92 -13.52 -16.89
CA TYR A 177 -8.77 -12.71 -16.63
C TYR A 177 -7.52 -13.60 -16.58
N PRO A 178 -6.42 -13.16 -17.19
CA PRO A 178 -6.26 -11.94 -18.00
C PRO A 178 -6.71 -12.24 -19.41
N GLY A 179 -7.44 -11.33 -20.03
CA GLY A 179 -8.17 -11.65 -21.27
C GLY A 179 -7.57 -11.08 -22.53
N GLY A 180 -6.45 -10.40 -22.41
CA GLY A 180 -5.78 -9.85 -23.58
C GLY A 180 -5.60 -10.79 -24.78
N PRO A 181 -5.06 -12.00 -24.55
CA PRO A 181 -4.88 -12.96 -25.64
C PRO A 181 -6.18 -13.38 -26.27
N LEU A 182 -7.17 -13.67 -25.44
CA LEU A 182 -8.50 -14.03 -25.94
C LEU A 182 -9.13 -12.86 -26.70
N LEU A 183 -8.90 -11.62 -26.25
CA LEU A 183 -9.44 -10.44 -26.92
C LEU A 183 -8.84 -10.38 -28.31
N SER A 184 -7.56 -10.72 -28.40
CA SER A 184 -6.86 -10.73 -29.64
C SER A 184 -7.43 -11.77 -30.60
N LYS A 185 -7.76 -12.94 -30.08
CA LYS A 185 -8.34 -13.97 -30.95
C LYS A 185 -9.73 -13.62 -31.43
N MET A 186 -10.59 -13.18 -30.52
CA MET A 186 -11.89 -12.66 -30.92
C MET A 186 -11.70 -11.63 -32.04
N ALA A 187 -10.68 -10.80 -31.93
CA ALA A 187 -10.51 -9.66 -32.83
C ALA A 187 -10.28 -10.11 -34.29
N ALA A 188 -9.62 -11.24 -34.45
CA ALA A 188 -9.38 -11.80 -35.76
C ALA A 188 -10.68 -12.07 -36.46
N GLN A 189 -11.78 -12.16 -35.70
CA GLN A 189 -13.13 -12.42 -36.26
C GLN A 189 -13.86 -11.14 -36.68
N GLY A 190 -13.27 -10.00 -36.36
CA GLY A 190 -13.94 -8.73 -36.51
C GLY A 190 -13.92 -8.17 -37.91
N THR A 191 -14.95 -7.39 -38.22
CA THR A 191 -15.01 -6.56 -39.40
C THR A 191 -14.11 -5.34 -39.22
N ALA A 192 -13.04 -5.26 -39.99
CA ALA A 192 -12.20 -4.07 -39.93
C ALA A 192 -13.08 -2.85 -40.15
N GLY A 193 -12.92 -1.84 -39.29
CA GLY A 193 -13.49 -0.53 -39.55
C GLY A 193 -14.90 -0.25 -39.06
N ARG A 194 -15.66 -1.28 -38.68
CA ARG A 194 -17.05 -1.08 -38.18
C ARG A 194 -17.12 -0.14 -36.99
N PHE A 195 -16.10 -0.14 -36.13
CA PHE A 195 -15.99 0.87 -35.09
C PHE A 195 -14.62 1.50 -35.21
N VAL A 196 -14.46 2.69 -34.65
CA VAL A 196 -13.19 3.43 -34.72
C VAL A 196 -12.88 4.15 -33.41
N PHE A 197 -11.84 3.68 -32.73
CA PHE A 197 -11.45 4.16 -31.40
C PHE A 197 -10.45 5.27 -31.53
N PRO A 198 -10.39 6.15 -30.55
CA PRO A 198 -9.32 7.14 -30.63
C PRO A 198 -7.91 6.56 -30.42
N ARG A 199 -6.94 7.24 -30.99
CA ARG A 199 -5.54 7.01 -30.76
C ARG A 199 -5.07 8.10 -29.80
N PRO A 200 -5.20 7.84 -28.50
CA PRO A 200 -5.02 8.93 -27.60
C PRO A 200 -3.59 9.46 -27.64
N MET A 201 -3.48 10.76 -27.41
CA MET A 201 -2.21 11.50 -27.50
C MET A 201 -1.45 11.32 -28.83
N THR A 202 -2.17 11.09 -29.93
CA THR A 202 -1.51 11.09 -31.25
C THR A 202 -1.74 12.37 -32.07
N ASP A 203 -2.50 13.31 -31.53
CA ASP A 203 -2.86 14.57 -32.22
C ASP A 203 -1.90 15.72 -31.91
N ARG A 204 -1.19 15.63 -30.79
CA ARG A 204 -0.11 16.56 -30.50
C ARG A 204 1.23 15.80 -30.53
N PRO A 205 2.34 16.48 -30.85
CA PRO A 205 3.62 15.77 -30.76
C PRO A 205 3.94 15.36 -29.33
N GLY A 206 4.84 14.40 -29.19
CA GLY A 206 5.21 13.84 -27.89
C GLY A 206 5.22 12.33 -27.90
N LEU A 207 5.76 11.75 -26.85
CA LEU A 207 6.02 10.33 -26.80
C LEU A 207 5.30 9.58 -25.67
N ASP A 208 4.62 10.30 -24.77
CA ASP A 208 3.93 9.63 -23.67
C ASP A 208 2.66 8.98 -24.22
N PHE A 209 2.07 8.09 -23.44
CA PHE A 209 0.81 7.41 -23.78
C PHE A 209 -0.23 7.59 -22.69
N SER A 210 -1.48 7.43 -23.11
CA SER A 210 -2.63 7.21 -22.23
C SER A 210 -3.56 6.21 -22.90
N PHE A 211 -4.11 5.29 -22.14
CA PHE A 211 -5.03 4.30 -22.69
C PHE A 211 -6.36 4.19 -22.00
N SER A 212 -6.52 4.87 -20.84
CA SER A 212 -7.76 4.83 -20.02
C SER A 212 -8.97 5.22 -20.82
N GLY A 213 -8.84 6.25 -21.63
CA GLY A 213 -9.97 6.73 -22.43
C GLY A 213 -10.50 5.66 -23.37
N LEU A 214 -9.65 4.67 -23.62
CA LEU A 214 -9.94 3.60 -24.58
C LEU A 214 -10.92 2.55 -24.01
N LYS A 215 -10.74 2.20 -22.75
CA LYS A 215 -11.72 1.43 -21.98
C LYS A 215 -13.11 2.10 -22.03
N THR A 216 -13.15 3.39 -21.66
CA THR A 216 -14.37 4.20 -21.67
C THR A 216 -15.07 4.05 -23.02
N PHE A 217 -14.30 4.25 -24.08
CA PHE A 217 -14.87 4.14 -25.40
C PHE A 217 -15.39 2.75 -25.70
N ALA A 218 -14.64 1.76 -25.24
CA ALA A 218 -15.08 0.37 -25.39
C ALA A 218 -16.40 0.12 -24.69
N ALA A 219 -16.51 0.59 -23.46
CA ALA A 219 -17.68 0.33 -22.62
C ALA A 219 -18.93 1.01 -23.16
N ASN A 220 -18.77 2.23 -23.64
CA ASN A 220 -19.89 2.92 -24.24
C ASN A 220 -20.32 2.20 -25.50
N THR A 221 -19.36 1.69 -26.25
CA THR A 221 -19.66 1.01 -27.52
C THR A 221 -20.38 -0.32 -27.26
N ILE A 222 -19.98 -1.00 -26.19
CA ILE A 222 -20.62 -2.25 -25.76
C ILE A 222 -22.02 -1.96 -25.23
N ARG A 223 -22.29 -0.69 -24.93
CA ARG A 223 -23.58 -0.32 -24.35
C ARG A 223 -24.58 0.05 -25.44
N ASP A 224 -24.15 0.89 -26.38
CA ASP A 224 -25.00 1.37 -27.46
C ASP A 224 -25.18 0.39 -28.62
N ASN A 225 -24.75 -0.86 -28.47
CA ASN A 225 -24.73 -1.83 -29.59
C ASN A 225 -25.13 -3.22 -29.12
N GLY A 226 -25.49 -4.08 -30.06
CA GLY A 226 -25.99 -5.44 -29.77
C GLY A 226 -24.97 -6.33 -29.09
N THR A 227 -25.43 -7.31 -28.31
CA THR A 227 -24.53 -8.23 -27.57
C THR A 227 -24.32 -9.58 -28.28
N ASP A 228 -24.51 -9.61 -29.60
CA ASP A 228 -24.19 -10.82 -30.37
C ASP A 228 -22.67 -11.01 -30.45
N ASP A 229 -22.24 -12.19 -30.88
CA ASP A 229 -20.79 -12.53 -30.97
C ASP A 229 -20.03 -11.65 -31.94
N GLN A 230 -20.56 -11.48 -33.14
CA GLN A 230 -19.93 -10.63 -34.13
C GLN A 230 -19.67 -9.22 -33.61
N THR A 231 -20.70 -8.54 -33.13
CA THR A 231 -20.57 -7.15 -32.65
C THR A 231 -19.45 -7.02 -31.57
N ARG A 232 -19.31 -8.04 -30.75
CA ARG A 232 -18.23 -8.10 -29.77
C ARG A 232 -16.86 -8.38 -30.45
N ALA A 233 -16.84 -9.21 -31.48
CA ALA A 233 -15.61 -9.43 -32.25
C ALA A 233 -15.14 -8.11 -32.85
N ASP A 234 -16.11 -7.34 -33.36
CA ASP A 234 -15.86 -6.09 -34.09
C ASP A 234 -15.33 -5.01 -33.16
N ILE A 235 -15.85 -5.00 -31.94
CA ILE A 235 -15.35 -4.10 -30.90
C ILE A 235 -13.94 -4.52 -30.47
N ALA A 236 -13.69 -5.82 -30.40
CA ALA A 236 -12.37 -6.33 -30.01
C ALA A 236 -11.33 -5.94 -31.05
N ARG A 237 -11.75 -5.97 -32.31
CA ARG A 237 -10.88 -5.61 -33.40
C ARG A 237 -10.55 -4.14 -33.40
N ALA A 238 -11.57 -3.31 -33.17
CA ALA A 238 -11.41 -1.86 -33.17
C ALA A 238 -10.53 -1.42 -32.02
N PHE A 239 -10.75 -2.05 -30.86
CA PHE A 239 -9.93 -1.80 -29.70
C PHE A 239 -8.48 -2.16 -30.01
N GLU A 240 -8.27 -3.36 -30.52
CA GLU A 240 -6.92 -3.83 -30.88
C GLU A 240 -6.24 -2.95 -31.95
N ASP A 241 -6.93 -2.68 -33.05
CA ASP A 241 -6.33 -1.85 -34.11
C ASP A 241 -5.89 -0.47 -33.61
N ALA A 242 -6.64 0.08 -32.65
CA ALA A 242 -6.38 1.42 -32.14
C ALA A 242 -5.17 1.41 -31.24
N VAL A 243 -5.08 0.39 -30.39
CA VAL A 243 -3.94 0.30 -29.53
C VAL A 243 -2.68 0.13 -30.37
N VAL A 244 -2.77 -0.77 -31.36
CA VAL A 244 -1.63 -1.08 -32.26
C VAL A 244 -1.22 0.14 -33.12
N ASP A 245 -2.17 0.86 -33.68
CA ASP A 245 -1.83 2.14 -34.34
C ASP A 245 -1.16 3.17 -33.38
N THR A 246 -1.63 3.20 -32.14
CA THR A 246 -1.08 4.13 -31.18
C THR A 246 0.35 3.77 -30.88
N LEU A 247 0.58 2.50 -30.60
CA LEU A 247 1.94 2.03 -30.32
C LEU A 247 2.86 2.27 -31.55
N MET A 248 2.35 1.95 -32.72
CA MET A 248 3.09 2.20 -33.95
C MET A 248 3.44 3.69 -34.11
N ILE A 249 2.43 4.57 -34.10
CA ILE A 249 2.66 6.03 -34.27
C ILE A 249 3.76 6.52 -33.34
N LYS A 250 3.70 6.07 -32.10
CA LYS A 250 4.62 6.51 -31.09
C LYS A 250 6.02 5.96 -31.30
N CYS A 251 6.11 4.71 -31.75
CA CYS A 251 7.40 4.10 -32.10
C CYS A 251 8.03 4.88 -33.27
N LYS A 252 7.21 5.29 -34.22
CA LYS A 252 7.66 6.10 -35.37
C LYS A 252 8.31 7.39 -34.90
N ARG A 253 7.64 8.05 -33.97
CA ARG A 253 8.13 9.32 -33.51
C ARG A 253 9.43 9.17 -32.77
N ALA A 254 9.55 8.10 -32.00
CA ALA A 254 10.79 7.91 -31.25
C ALA A 254 11.94 7.51 -32.16
N LEU A 255 11.61 6.87 -33.26
CA LEU A 255 12.62 6.51 -34.26
C LEU A 255 13.08 7.77 -35.01
N ASP A 256 12.11 8.61 -35.33
CA ASP A 256 12.36 9.97 -35.82
C ASP A 256 13.22 10.78 -34.90
N GLN A 257 12.89 10.79 -33.60
CA GLN A 257 13.57 11.66 -32.64
C GLN A 257 14.98 11.15 -32.41
N THR A 258 15.15 9.85 -32.31
CA THR A 258 16.47 9.31 -32.05
C THR A 258 17.33 9.16 -33.28
N GLY A 259 16.70 9.14 -34.45
CA GLY A 259 17.40 8.80 -35.68
C GLY A 259 17.79 7.34 -35.77
N PHE A 260 17.29 6.48 -34.88
CA PHE A 260 17.73 5.08 -34.85
C PHE A 260 17.06 4.23 -35.93
N LYS A 261 17.75 3.16 -36.33
CA LYS A 261 17.26 2.26 -37.39
C LYS A 261 16.68 0.91 -36.86
N ARG A 262 16.61 0.77 -35.54
CA ARG A 262 16.25 -0.50 -34.92
C ARG A 262 15.21 -0.31 -33.82
N LEU A 263 14.15 -1.12 -33.91
CA LEU A 263 13.02 -1.13 -33.01
C LEU A 263 12.86 -2.49 -32.37
N VAL A 264 12.95 -2.50 -31.07
CA VAL A 264 12.91 -3.71 -30.27
C VAL A 264 11.63 -3.62 -29.45
N MET A 265 10.85 -4.68 -29.45
CA MET A 265 9.62 -4.74 -28.68
C MET A 265 9.70 -5.90 -27.68
N ALA A 266 9.09 -5.68 -26.52
CA ALA A 266 9.17 -6.61 -25.41
C ALA A 266 8.07 -6.37 -24.36
N GLY A 267 7.89 -7.35 -23.49
CA GLY A 267 6.72 -7.39 -22.61
C GLY A 267 5.61 -8.22 -23.22
N GLY A 268 4.61 -8.54 -22.41
CA GLY A 268 3.64 -9.53 -22.82
C GLY A 268 2.88 -9.11 -24.05
N VAL A 269 2.62 -7.81 -24.17
CA VAL A 269 1.84 -7.32 -25.32
C VAL A 269 2.60 -7.54 -26.66
N SER A 270 3.92 -7.67 -26.58
CA SER A 270 4.73 -7.85 -27.81
C SER A 270 4.49 -9.24 -28.41
N ALA A 271 3.74 -10.08 -27.68
CA ALA A 271 3.23 -11.32 -28.27
C ALA A 271 2.10 -11.06 -29.28
N ASN A 272 1.48 -9.89 -29.21
CA ASN A 272 0.29 -9.59 -30.04
C ASN A 272 0.64 -9.63 -31.53
N ARG A 273 -0.24 -10.51 -32.17
CA ARG A 273 0.20 -10.78 -33.51
C ARG A 273 0.12 -9.57 -34.46
N THR A 274 -1.03 -8.83 -34.43
CA THR A 274 -1.29 -7.57 -35.16
C THR A 274 -0.16 -6.60 -34.88
N LEU A 275 0.28 -6.51 -33.64
CA LEU A 275 1.31 -5.55 -33.31
C LEU A 275 2.60 -5.92 -34.01
N ARG A 276 2.96 -7.18 -33.94
CA ARG A 276 4.19 -7.65 -34.54
C ARG A 276 4.19 -7.40 -36.05
N ALA A 277 3.07 -7.70 -36.68
CA ALA A 277 2.95 -7.53 -38.12
C ALA A 277 3.09 -6.04 -38.48
N LYS A 278 2.37 -5.17 -37.78
CA LYS A 278 2.42 -3.74 -38.05
C LYS A 278 3.77 -3.10 -37.77
N LEU A 279 4.43 -3.44 -36.69
CA LEU A 279 5.74 -2.88 -36.53
C LEU A 279 6.74 -3.39 -37.58
N ALA A 280 6.64 -4.67 -37.99
CA ALA A 280 7.53 -5.25 -39.01
C ALA A 280 7.33 -4.53 -40.34
N GLU A 281 6.08 -4.36 -40.75
CA GLU A 281 5.71 -3.57 -41.95
C GLU A 281 6.29 -2.15 -41.87
N MET A 282 6.11 -1.48 -40.74
CA MET A 282 6.66 -0.16 -40.58
C MET A 282 8.19 -0.16 -40.74
N MET A 283 8.88 -1.05 -40.04
CA MET A 283 10.35 -1.04 -40.12
C MET A 283 10.87 -1.34 -41.53
N LYS A 284 10.11 -2.11 -42.30
CA LYS A 284 10.42 -2.34 -43.70
C LYS A 284 10.31 -1.03 -44.50
N LYS A 285 9.22 -0.29 -44.37
CA LYS A 285 9.15 0.98 -45.09
C LYS A 285 10.26 1.94 -44.69
N ARG A 286 10.61 1.95 -43.42
CA ARG A 286 11.71 2.79 -42.95
C ARG A 286 13.08 2.25 -43.33
N ARG A 287 13.13 1.03 -43.84
CA ARG A 287 14.37 0.36 -44.15
C ARG A 287 15.23 0.18 -42.90
N GLY A 288 14.57 -0.17 -41.80
CA GLY A 288 15.26 -0.57 -40.60
C GLY A 288 14.86 -1.99 -40.29
N GLU A 289 14.95 -2.34 -39.02
CA GLU A 289 14.64 -3.65 -38.54
C GLU A 289 13.86 -3.60 -37.27
N VAL A 290 12.94 -4.54 -37.15
CA VAL A 290 12.27 -4.83 -35.92
C VAL A 290 12.80 -6.14 -35.29
N PHE A 291 12.76 -6.22 -33.98
CA PHE A 291 13.14 -7.38 -33.21
C PHE A 291 12.10 -7.68 -32.14
N TYR A 292 11.87 -8.95 -31.89
CA TYR A 292 11.04 -9.43 -30.82
C TYR A 292 11.39 -10.86 -30.48
N ALA A 293 11.00 -11.28 -29.28
CA ALA A 293 11.20 -12.63 -28.88
C ALA A 293 10.08 -13.44 -29.45
N ARG A 294 10.24 -14.75 -29.51
CA ARG A 294 9.17 -15.70 -29.70
C ARG A 294 8.05 -15.37 -28.73
N PRO A 295 6.82 -15.69 -29.09
CA PRO A 295 5.68 -15.29 -28.31
C PRO A 295 5.74 -15.73 -26.86
N GLU A 296 6.26 -16.93 -26.61
CA GLU A 296 6.33 -17.44 -25.23
C GLU A 296 7.42 -16.79 -24.37
N PHE A 297 8.32 -16.01 -24.97
CA PHE A 297 9.28 -15.21 -24.18
C PHE A 297 8.93 -13.75 -24.08
N CYS A 298 7.79 -13.35 -24.63
CA CYS A 298 7.31 -11.97 -24.45
C CYS A 298 6.65 -11.84 -23.08
N THR A 299 5.80 -12.81 -22.77
CA THR A 299 5.19 -12.96 -21.44
C THR A 299 6.21 -13.57 -20.47
N ASP A 300 5.94 -13.36 -19.19
CA ASP A 300 6.87 -13.71 -18.16
C ASP A 300 7.41 -15.10 -18.29
N ASN A 301 8.72 -15.23 -18.17
CA ASN A 301 9.31 -16.55 -18.29
C ASN A 301 10.65 -16.50 -17.61
N GLY A 302 11.25 -17.66 -17.42
CA GLY A 302 12.52 -17.74 -16.75
C GLY A 302 13.73 -17.56 -17.66
N ALA A 303 13.56 -17.83 -18.96
CA ALA A 303 14.66 -17.77 -19.91
C ALA A 303 15.30 -16.37 -19.94
N MET A 304 14.47 -15.35 -20.02
CA MET A 304 14.92 -13.98 -20.04
C MET A 304 15.71 -13.63 -18.79
N ILE A 305 15.33 -14.25 -17.68
CA ILE A 305 15.99 -13.95 -16.44
C ILE A 305 17.35 -14.63 -16.43
N ALA A 306 17.45 -15.86 -16.98
CA ALA A 306 18.71 -16.51 -17.02
C ALA A 306 19.64 -15.76 -17.97
N TYR A 307 19.12 -15.33 -19.11
CA TYR A 307 19.91 -14.54 -20.02
C TYR A 307 20.37 -13.21 -19.37
N ALA A 308 19.47 -12.45 -18.77
CA ALA A 308 19.82 -11.12 -18.29
C ALA A 308 20.77 -11.26 -17.11
N GLY A 309 20.59 -12.35 -16.39
CA GLY A 309 21.49 -12.75 -15.31
C GLY A 309 22.91 -12.94 -15.74
N MET A 310 23.08 -13.62 -16.86
CA MET A 310 24.38 -13.85 -17.49
C MET A 310 25.00 -12.50 -17.83
N VAL A 311 24.21 -11.63 -18.46
CA VAL A 311 24.68 -10.29 -18.87
C VAL A 311 25.10 -9.46 -17.63
N ARG A 312 24.26 -9.47 -16.61
CA ARG A 312 24.59 -8.71 -15.40
C ARG A 312 25.79 -9.31 -14.66
N PHE A 313 25.91 -10.63 -14.64
CA PHE A 313 27.07 -11.26 -14.04
C PHE A 313 28.35 -10.75 -14.71
N LYS A 314 28.33 -10.73 -16.03
CA LYS A 314 29.49 -10.34 -16.79
C LYS A 314 29.78 -8.85 -16.64
N ALA A 315 28.74 -8.09 -16.35
CA ALA A 315 28.84 -6.67 -16.00
C ALA A 315 29.17 -6.44 -14.52
N GLY A 316 29.37 -7.50 -13.74
CA GLY A 316 29.80 -7.37 -12.35
C GLY A 316 28.72 -7.15 -11.30
N ALA A 317 27.45 -7.41 -11.63
CA ALA A 317 26.35 -7.15 -10.67
C ALA A 317 26.00 -8.30 -9.75
N THR A 318 26.89 -8.55 -8.79
CA THR A 318 26.74 -9.64 -7.85
C THR A 318 26.26 -9.15 -6.48
N ALA A 319 25.47 -9.99 -5.81
CA ALA A 319 24.89 -9.64 -4.53
C ALA A 319 25.74 -10.14 -3.38
N ASP A 320 25.78 -9.36 -2.29
CA ASP A 320 26.25 -9.90 -1.03
C ASP A 320 25.18 -10.86 -0.43
N LEU A 321 25.39 -11.25 0.83
CA LEU A 321 24.55 -12.23 1.49
C LEU A 321 23.13 -11.81 1.85
N GLY A 322 22.87 -10.49 1.88
CA GLY A 322 21.53 -9.97 2.15
C GLY A 322 20.62 -10.33 0.98
N VAL A 323 19.33 -10.40 1.23
CA VAL A 323 18.38 -10.57 0.15
C VAL A 323 17.46 -9.38 0.21
N SER A 324 17.26 -8.73 -0.92
CA SER A 324 16.39 -7.58 -1.00
C SER A 324 15.57 -7.62 -2.29
N VAL A 325 14.38 -7.05 -2.23
CA VAL A 325 13.53 -6.93 -3.38
C VAL A 325 13.00 -5.50 -3.47
N ARG A 326 12.69 -5.10 -4.70
CA ARG A 326 12.30 -3.76 -4.99
C ARG A 326 11.04 -3.82 -5.81
N PRO A 327 9.89 -3.75 -5.17
CA PRO A 327 8.64 -3.92 -5.90
C PRO A 327 8.44 -2.86 -6.96
N ARG A 328 8.95 -1.66 -6.68
CA ARG A 328 8.98 -0.56 -7.66
C ARG A 328 10.46 -0.23 -7.89
N TRP A 329 10.87 -0.29 -9.14
CA TRP A 329 12.29 -0.21 -9.46
C TRP A 329 12.37 0.33 -10.85
N PRO A 330 12.60 1.66 -10.98
CA PRO A 330 12.56 2.21 -12.32
C PRO A 330 13.75 1.72 -13.15
N LEU A 331 13.49 1.50 -14.42
CA LEU A 331 14.49 0.95 -15.30
C LEU A 331 15.62 1.96 -15.52
N ALA A 332 15.25 3.24 -15.57
CA ALA A 332 16.22 4.31 -15.82
C ALA A 332 17.28 4.39 -14.70
N GLU A 333 16.94 3.93 -13.52
CA GLU A 333 17.86 3.92 -12.39
C GLU A 333 18.89 2.76 -12.39
N LEU A 334 18.84 1.83 -13.34
CA LEU A 334 19.87 0.78 -13.39
C LEU A 334 21.23 1.35 -13.84
N PRO A 335 22.35 0.83 -13.32
CA PRO A 335 23.64 1.31 -13.77
C PRO A 335 24.11 0.63 -15.05
N ALA A 336 25.08 1.26 -15.74
CA ALA A 336 25.55 0.84 -17.08
C ALA A 336 26.55 -0.35 -17.12
N MET B 1 -27.65 -3.96 7.29
CA MET B 1 -27.18 -2.72 6.63
C MET B 1 -25.67 -2.78 6.57
N ARG B 2 -25.12 -1.99 5.66
CA ARG B 2 -23.68 -1.88 5.50
C ARG B 2 -23.28 -0.42 5.35
N VAL B 3 -22.25 -0.02 6.08
CA VAL B 3 -21.72 1.30 5.99
C VAL B 3 -20.26 1.27 5.52
N LEU B 4 -19.94 2.12 4.53
CA LEU B 4 -18.55 2.37 4.09
C LEU B 4 -17.99 3.47 4.96
N GLY B 5 -16.90 3.20 5.65
CA GLY B 5 -16.27 4.20 6.50
C GLY B 5 -14.90 4.66 6.00
N ILE B 6 -14.64 5.96 6.13
CA ILE B 6 -13.43 6.57 5.59
C ILE B 6 -12.77 7.34 6.69
N GLU B 7 -11.47 7.04 6.92
CA GLU B 7 -10.65 7.70 7.97
C GLU B 7 -9.41 8.38 7.39
N THR B 8 -9.39 9.71 7.46
CA THR B 8 -8.24 10.47 7.01
C THR B 8 -7.94 11.63 7.97
N SER B 9 -7.81 11.34 9.26
CA SER B 9 -7.73 12.41 10.25
C SER B 9 -6.32 12.89 10.48
N CYS B 10 -5.33 12.04 10.30
CA CYS B 10 -3.93 12.49 10.48
C CYS B 10 -3.03 11.89 9.39
N ASP B 11 -2.42 10.74 9.64
CA ASP B 11 -1.46 10.17 8.73
C ASP B 11 -1.72 8.71 8.40
N GLU B 12 -2.94 8.26 8.67
CA GLU B 12 -3.39 6.96 8.25
C GLU B 12 -4.60 7.17 7.37
N THR B 13 -4.60 6.53 6.19
CA THR B 13 -5.78 6.43 5.38
C THR B 13 -6.41 5.07 5.61
N GLY B 14 -7.59 5.04 6.19
CA GLY B 14 -8.26 3.78 6.43
C GLY B 14 -9.64 3.77 5.84
N ILE B 15 -10.01 2.64 5.21
CA ILE B 15 -11.35 2.46 4.65
C ILE B 15 -11.87 1.15 5.11
N ALA B 16 -13.15 1.07 5.45
CA ALA B 16 -13.70 -0.22 5.84
C ALA B 16 -15.15 -0.31 5.52
N ILE B 17 -15.66 -1.52 5.54
CA ILE B 17 -17.08 -1.79 5.32
C ILE B 17 -17.60 -2.64 6.47
N TYR B 18 -18.58 -2.12 7.18
CA TYR B 18 -19.15 -2.83 8.31
C TYR B 18 -20.62 -3.19 8.01
N ASP B 19 -20.95 -4.46 8.14
CA ASP B 19 -22.31 -5.00 7.94
C ASP B 19 -22.84 -5.41 9.34
N ASP B 20 -23.99 -4.86 9.77
CA ASP B 20 -24.51 -5.18 11.11
C ASP B 20 -25.07 -6.58 11.31
N GLU B 21 -25.26 -7.35 10.24
CA GLU B 21 -25.53 -8.78 10.35
C GLU B 21 -24.24 -9.62 10.21
N LYS B 22 -23.37 -9.32 9.25
CA LYS B 22 -22.21 -10.20 9.02
C LYS B 22 -20.90 -9.68 9.63
N GLY B 23 -20.91 -8.46 10.13
CA GLY B 23 -19.74 -7.90 10.74
C GLY B 23 -18.87 -7.13 9.75
N LEU B 24 -17.58 -7.07 10.05
CA LEU B 24 -16.64 -6.33 9.25
C LEU B 24 -16.33 -7.09 7.92
N LEU B 25 -16.66 -6.47 6.79
CA LEU B 25 -16.48 -7.11 5.49
C LEU B 25 -15.21 -6.67 4.74
N ALA B 26 -14.64 -5.53 5.12
CA ALA B 26 -13.43 -5.03 4.48
C ALA B 26 -12.72 -4.07 5.40
N ASN B 27 -11.39 -4.07 5.34
CA ASN B 27 -10.59 -3.13 6.11
C ASN B 27 -9.30 -2.88 5.35
N GLN B 28 -9.04 -1.65 4.98
CA GLN B 28 -7.89 -1.30 4.16
C GLN B 28 -7.18 -0.20 4.87
N LEU B 29 -5.86 -0.30 4.93
CA LEU B 29 -5.13 0.70 5.65
C LEU B 29 -3.80 1.05 5.00
N TYR B 30 -3.53 2.34 4.89
CA TYR B 30 -2.21 2.82 4.46
C TYR B 30 -1.75 3.82 5.49
N SER B 31 -0.59 3.51 6.07
CA SER B 31 0.07 4.37 7.00
C SER B 31 1.24 5.15 6.35
N GLN B 32 1.29 6.45 6.66
CA GLN B 32 2.25 7.37 6.07
C GLN B 32 3.47 7.48 6.99
N VAL B 33 3.63 6.59 7.98
CA VAL B 33 4.74 6.78 8.92
C VAL B 33 6.10 7.04 8.27
N LYS B 34 6.41 6.37 7.17
CA LYS B 34 7.76 6.47 6.58
C LYS B 34 7.96 7.88 6.02
N LEU B 35 6.89 8.42 5.45
CA LEU B 35 6.89 9.76 4.92
C LEU B 35 7.29 10.80 5.96
N HIS B 36 6.70 10.69 7.15
CA HIS B 36 6.89 11.73 8.16
C HIS B 36 8.08 11.52 9.06
N ALA B 37 8.59 10.30 9.11
CA ALA B 37 9.58 9.95 10.11
C ALA B 37 10.83 10.80 9.92
N ASP B 38 11.25 11.03 8.67
CA ASP B 38 12.42 11.90 8.39
C ASP B 38 12.31 13.29 9.01
N TYR B 39 11.08 13.66 9.43
CA TYR B 39 10.76 15.03 9.88
C TYR B 39 10.54 15.14 11.38
N GLY B 40 10.40 14.01 12.06
CA GLY B 40 10.17 13.99 13.50
C GLY B 40 8.75 14.41 13.84
N GLY B 41 7.88 14.43 12.85
CA GLY B 41 6.49 14.81 13.09
C GLY B 41 5.72 14.78 11.81
N VAL B 42 4.40 14.84 11.91
CA VAL B 42 3.53 14.82 10.73
C VAL B 42 3.54 16.24 10.06
N VAL B 43 3.96 16.26 8.82
CA VAL B 43 3.94 17.48 8.01
C VAL B 43 2.58 17.53 7.33
N PRO B 44 1.75 18.51 7.72
CA PRO B 44 0.35 18.50 7.27
C PRO B 44 0.22 18.54 5.75
N GLU B 45 1.03 19.33 5.07
CA GLU B 45 0.87 19.43 3.63
C GLU B 45 1.12 18.04 2.99
N LEU B 46 2.17 17.35 3.42
CA LEU B 46 2.47 16.03 2.85
C LEU B 46 1.44 14.98 3.23
N ALA B 47 0.93 15.05 4.46
CA ALA B 47 -0.14 14.15 4.88
C ALA B 47 -1.35 14.34 3.99
N SER B 48 -1.78 15.59 3.81
CA SER B 48 -2.93 15.91 2.98
C SER B 48 -2.72 15.36 1.57
N ARG B 49 -1.54 15.60 1.03
CA ARG B 49 -1.24 15.14 -0.35
C ARG B 49 -1.33 13.61 -0.48
N ASP B 50 -0.87 12.91 0.54
CA ASP B 50 -0.85 11.49 0.44
C ASP B 50 -2.26 10.89 0.61
N HIS B 51 -3.15 11.57 1.33
CA HIS B 51 -4.48 11.04 1.50
C HIS B 51 -5.13 11.10 0.15
N VAL B 52 -4.79 12.07 -0.67
CA VAL B 52 -5.30 12.12 -2.02
C VAL B 52 -4.87 10.91 -2.84
N ARG B 53 -3.64 10.48 -2.65
CA ARG B 53 -3.07 9.36 -3.36
C ARG B 53 -3.79 8.09 -3.01
N LYS B 54 -4.12 7.95 -1.74
CA LYS B 54 -4.67 6.72 -1.22
C LYS B 54 -6.18 6.54 -1.14
N THR B 55 -6.95 7.60 -1.02
CA THR B 55 -8.34 7.44 -0.55
C THR B 55 -9.19 6.64 -1.56
N VAL B 56 -9.25 7.12 -2.78
CA VAL B 56 -10.06 6.46 -3.76
C VAL B 56 -9.58 5.03 -4.02
N PRO B 57 -8.29 4.84 -4.23
CA PRO B 57 -7.88 3.42 -4.43
C PRO B 57 -8.16 2.44 -3.27
N LEU B 58 -8.11 2.90 -2.02
CA LEU B 58 -8.46 2.04 -0.91
C LEU B 58 -9.98 1.81 -0.81
N ILE B 59 -10.78 2.73 -1.30
CA ILE B 59 -12.21 2.49 -1.39
C ILE B 59 -12.48 1.38 -2.42
N GLN B 60 -11.78 1.45 -3.56
CA GLN B 60 -11.99 0.47 -4.62
C GLN B 60 -11.55 -0.91 -4.12
N ALA B 61 -10.41 -0.97 -3.45
CA ALA B 61 -9.92 -2.19 -2.85
C ALA B 61 -10.87 -2.76 -1.79
N ALA B 62 -11.45 -1.91 -0.96
CA ALA B 62 -12.46 -2.37 0.01
C ALA B 62 -13.71 -3.00 -0.64
N LEU B 63 -14.24 -2.34 -1.67
CA LEU B 63 -15.40 -2.91 -2.42
C LEU B 63 -14.99 -4.21 -3.10
N LYS B 64 -13.81 -4.24 -3.70
CA LYS B 64 -13.33 -5.49 -4.28
C LYS B 64 -13.13 -6.58 -3.17
N GLU B 65 -12.48 -6.24 -2.07
CA GLU B 65 -12.25 -7.21 -1.00
C GLU B 65 -13.57 -7.80 -0.49
N SER B 66 -14.58 -6.97 -0.32
CA SER B 66 -15.82 -7.40 0.31
C SER B 66 -16.76 -8.13 -0.69
N GLY B 67 -16.43 -8.04 -1.97
CA GLY B 67 -17.28 -8.61 -3.01
C GLY B 67 -18.57 -7.84 -3.24
N LEU B 68 -18.55 -6.56 -2.89
CA LEU B 68 -19.74 -5.76 -3.01
C LEU B 68 -19.65 -4.73 -4.10
N THR B 69 -20.84 -4.25 -4.47
CA THR B 69 -21.02 -3.18 -5.44
C THR B 69 -21.69 -2.00 -4.74
N ALA B 70 -21.74 -0.89 -5.42
CA ALA B 70 -22.20 0.34 -4.89
C ALA B 70 -23.55 0.19 -4.25
N LYS B 71 -24.44 -0.52 -4.94
CA LYS B 71 -25.81 -0.63 -4.51
C LYS B 71 -25.98 -1.37 -3.18
N ASP B 72 -24.99 -2.14 -2.77
CA ASP B 72 -25.01 -2.80 -1.48
C ASP B 72 -24.62 -1.89 -0.30
N ILE B 73 -24.21 -0.65 -0.56
CA ILE B 73 -23.81 0.22 0.54
C ILE B 73 -24.99 1.08 0.92
N ASP B 74 -25.34 1.12 2.20
CA ASP B 74 -26.48 1.89 2.67
C ASP B 74 -26.16 3.32 3.13
N ALA B 75 -24.91 3.52 3.56
CA ALA B 75 -24.45 4.85 3.91
C ALA B 75 -22.95 4.95 3.88
N VAL B 76 -22.50 6.20 3.74
CA VAL B 76 -21.08 6.50 3.76
C VAL B 76 -20.73 7.44 4.91
N ALA B 77 -19.75 7.02 5.71
CA ALA B 77 -19.37 7.73 6.89
C ALA B 77 -17.96 8.19 6.70
N TYR B 78 -17.62 9.29 7.29
CA TYR B 78 -16.27 9.78 7.17
C TYR B 78 -15.90 10.61 8.38
N THR B 79 -14.62 10.54 8.74
CA THR B 79 -14.11 11.32 9.86
C THR B 79 -14.16 12.83 9.56
N ALA B 80 -14.89 13.57 10.38
CA ALA B 80 -15.02 14.97 10.16
C ALA B 80 -14.20 15.76 11.20
N GLY B 81 -13.60 15.06 12.15
CA GLY B 81 -12.72 15.69 13.16
C GLY B 81 -12.79 14.90 14.46
N PRO B 82 -11.95 15.25 15.47
CA PRO B 82 -10.83 16.19 15.38
C PRO B 82 -9.68 15.64 14.54
N GLY B 83 -8.69 16.49 14.24
CA GLY B 83 -7.49 16.08 13.51
C GLY B 83 -6.99 17.25 12.65
N LEU B 84 -6.19 16.93 11.64
CA LEU B 84 -5.66 17.94 10.76
C LEU B 84 -6.68 18.37 9.72
N VAL B 85 -7.00 19.65 9.68
CA VAL B 85 -8.04 20.13 8.77
C VAL B 85 -7.83 19.65 7.32
N GLY B 86 -6.58 19.69 6.84
CA GLY B 86 -6.29 19.38 5.45
C GLY B 86 -6.38 17.90 5.14
N ALA B 87 -6.10 17.08 6.14
CA ALA B 87 -6.22 15.60 6.03
C ALA B 87 -7.72 15.20 6.05
N LEU B 88 -8.43 15.72 7.04
CA LEU B 88 -9.87 15.51 7.22
C LEU B 88 -10.65 15.95 5.95
N LEU B 89 -10.22 17.02 5.30
CA LEU B 89 -10.96 17.49 4.14
C LEU B 89 -10.85 16.51 2.97
N VAL B 90 -9.77 15.72 2.88
CA VAL B 90 -9.69 14.75 1.79
C VAL B 90 -10.77 13.69 1.96
N GLY B 91 -10.81 13.00 3.11
CA GLY B 91 -11.78 11.99 3.35
C GLY B 91 -13.19 12.52 3.37
N ALA B 92 -13.45 13.70 3.92
CA ALA B 92 -14.81 14.24 3.95
C ALA B 92 -15.35 14.69 2.56
N THR B 93 -14.50 15.32 1.73
CA THR B 93 -14.95 15.71 0.34
C THR B 93 -15.22 14.47 -0.52
N VAL B 94 -14.30 13.48 -0.51
CA VAL B 94 -14.55 12.25 -1.24
C VAL B 94 -15.83 11.58 -0.71
N GLY B 95 -15.95 11.40 0.62
CA GLY B 95 -17.05 10.70 1.24
C GLY B 95 -18.39 11.35 0.97
N ARG B 96 -18.49 12.65 1.23
CA ARG B 96 -19.76 13.30 1.05
C ARG B 96 -20.21 13.32 -0.41
N SER B 97 -19.28 13.40 -1.35
CA SER B 97 -19.64 13.47 -2.78
C SER B 97 -19.92 12.10 -3.32
N LEU B 98 -19.21 11.13 -2.77
CA LEU B 98 -19.53 9.77 -3.12
C LEU B 98 -20.97 9.46 -2.62
N ALA B 99 -21.30 9.78 -1.37
CA ALA B 99 -22.65 9.60 -0.86
C ALA B 99 -23.66 10.33 -1.75
N PHE B 100 -23.30 11.47 -2.26
CA PHE B 100 -24.22 12.19 -3.14
C PHE B 100 -24.49 11.40 -4.42
N ALA B 101 -23.42 10.89 -5.01
CA ALA B 101 -23.51 10.17 -6.26
C ALA B 101 -24.25 8.84 -6.16
N TRP B 102 -24.04 8.14 -5.06
CA TRP B 102 -24.71 6.87 -4.79
C TRP B 102 -26.09 7.15 -4.23
N ASP B 103 -26.37 8.42 -3.93
CA ASP B 103 -27.64 8.84 -3.37
C ASP B 103 -27.94 8.06 -2.06
N VAL B 104 -26.96 8.07 -1.13
CA VAL B 104 -27.10 7.46 0.18
C VAL B 104 -26.76 8.49 1.26
N PRO B 105 -27.23 8.27 2.47
CA PRO B 105 -26.86 9.22 3.51
C PRO B 105 -25.37 9.25 3.78
N ALA B 106 -24.93 10.45 4.13
CA ALA B 106 -23.54 10.74 4.48
C ALA B 106 -23.47 11.01 6.02
N ILE B 107 -22.56 10.34 6.70
CA ILE B 107 -22.49 10.36 8.14
C ILE B 107 -21.12 10.92 8.58
N PRO B 108 -21.09 12.18 9.01
CA PRO B 108 -19.85 12.70 9.61
C PRO B 108 -19.58 12.07 10.96
N VAL B 109 -18.36 11.64 11.21
CA VAL B 109 -18.06 10.88 12.41
C VAL B 109 -16.97 11.58 13.19
N HIS B 110 -17.10 11.52 14.51
CA HIS B 110 -16.12 12.04 15.43
C HIS B 110 -15.02 11.00 15.63
N HIS B 111 -13.80 11.35 15.29
CA HIS B 111 -12.64 10.43 15.36
C HIS B 111 -12.51 9.69 16.71
N MET B 112 -12.66 10.42 17.80
CA MET B 112 -12.51 9.82 19.13
C MET B 112 -13.71 8.95 19.48
N GLU B 113 -14.88 9.25 18.92
CA GLU B 113 -16.02 8.34 19.14
C GLU B 113 -15.73 7.05 18.46
N GLY B 114 -15.16 7.13 17.28
CA GLY B 114 -14.58 5.96 16.60
C GLY B 114 -13.71 5.15 17.54
N HIS B 115 -12.66 5.75 18.09
CA HIS B 115 -11.78 5.01 18.96
C HIS B 115 -12.58 4.37 20.06
N LEU B 116 -13.44 5.17 20.66
CA LEU B 116 -14.24 4.78 21.83
C LEU B 116 -14.99 3.51 21.59
N LEU B 117 -15.56 3.41 20.39
CA LEU B 117 -16.38 2.30 20.06
C LEU B 117 -15.63 1.14 19.40
N ALA B 118 -14.32 1.24 19.19
CA ALA B 118 -13.60 0.18 18.49
C ALA B 118 -13.76 -1.17 19.19
N PRO B 119 -13.82 -1.17 20.52
CA PRO B 119 -13.99 -2.47 21.16
C PRO B 119 -15.31 -3.17 20.83
N MET B 120 -16.28 -2.47 20.22
CA MET B 120 -17.54 -3.07 19.88
C MET B 120 -17.35 -3.99 18.70
N LEU B 121 -16.21 -3.90 18.07
CA LEU B 121 -15.93 -4.76 16.95
C LEU B 121 -15.47 -6.15 17.34
N GLU B 122 -15.14 -6.37 18.62
CA GLU B 122 -14.66 -7.66 19.03
C GLU B 122 -15.85 -8.47 19.56
N ASP B 123 -15.66 -9.78 19.73
CA ASP B 123 -16.60 -10.62 20.43
C ASP B 123 -16.82 -10.07 21.82
N ASN B 124 -18.04 -10.20 22.32
CA ASN B 124 -18.36 -9.76 23.66
C ASN B 124 -18.09 -8.26 23.91
N PRO B 125 -18.76 -7.39 23.15
CA PRO B 125 -18.61 -5.96 23.35
C PRO B 125 -19.14 -5.44 24.72
N PRO B 126 -18.64 -4.30 25.18
CA PRO B 126 -19.20 -3.78 26.42
C PRO B 126 -20.61 -3.25 26.23
N GLU B 127 -21.43 -3.41 27.25
CA GLU B 127 -22.71 -2.73 27.37
C GLU B 127 -22.57 -1.48 28.24
N PHE B 128 -23.47 -0.51 28.06
CA PHE B 128 -23.51 0.74 28.83
C PHE B 128 -24.00 0.44 30.22
N PRO B 129 -23.57 1.24 31.22
CA PRO B 129 -22.53 2.27 31.22
C PRO B 129 -21.11 1.72 31.44
N PHE B 130 -20.10 2.50 31.03
CA PHE B 130 -18.74 2.17 31.32
C PHE B 130 -17.92 3.41 31.47
N VAL B 131 -16.76 3.27 32.11
CA VAL B 131 -15.78 4.33 32.08
C VAL B 131 -14.94 4.04 30.86
N ALA B 132 -14.59 5.08 30.10
CA ALA B 132 -13.69 4.93 28.96
C ALA B 132 -12.47 5.76 29.21
N LEU B 133 -11.32 5.12 29.05
CA LEU B 133 -10.06 5.80 28.99
C LEU B 133 -9.68 5.98 27.51
N LEU B 134 -9.58 7.24 27.05
CA LEU B 134 -9.10 7.55 25.69
C LEU B 134 -7.70 8.06 25.75
N VAL B 135 -6.76 7.24 25.30
CA VAL B 135 -5.37 7.53 25.37
C VAL B 135 -4.76 7.38 23.97
N SER B 136 -4.64 8.51 23.29
CA SER B 136 -4.09 8.58 21.94
C SER B 136 -2.84 9.51 21.87
N GLY B 137 -2.48 9.91 20.64
CA GLY B 137 -1.29 10.77 20.38
C GLY B 137 -1.50 12.09 21.04
N GLY B 138 -2.71 12.62 20.92
CA GLY B 138 -2.99 13.97 21.40
C GLY B 138 -4.12 14.03 22.38
N HIS B 139 -4.73 12.90 22.71
CA HIS B 139 -5.79 12.90 23.77
C HIS B 139 -5.46 11.99 24.96
N THR B 140 -5.91 12.39 26.13
CA THR B 140 -5.97 11.49 27.27
C THR B 140 -7.10 11.94 28.15
N GLN B 141 -8.15 11.14 28.17
CA GLN B 141 -9.36 11.54 28.86
C GLN B 141 -10.01 10.35 29.50
N LEU B 142 -10.62 10.60 30.64
CA LEU B 142 -11.45 9.62 31.32
C LEU B 142 -12.84 10.12 31.06
N ILE B 143 -13.68 9.22 30.59
CA ILE B 143 -15.08 9.56 30.24
C ILE B 143 -16.13 8.65 30.91
N SER B 144 -17.24 9.22 31.40
CA SER B 144 -18.35 8.40 31.92
C SER B 144 -19.33 8.20 30.80
N VAL B 145 -19.38 7.00 30.27
CA VAL B 145 -20.23 6.75 29.12
C VAL B 145 -21.51 6.08 29.53
N THR B 146 -22.65 6.72 29.33
CA THR B 146 -23.93 6.11 29.73
C THR B 146 -24.76 5.67 28.53
N GLY B 147 -24.27 5.94 27.34
CA GLY B 147 -25.03 5.66 26.13
C GLY B 147 -24.41 6.43 25.00
N ILE B 148 -24.91 6.18 23.79
CA ILE B 148 -24.40 6.82 22.59
C ILE B 148 -24.62 8.31 22.68
N GLY B 149 -23.52 9.06 22.66
CA GLY B 149 -23.53 10.52 22.74
C GLY B 149 -23.73 11.06 24.14
N GLN B 150 -23.62 10.18 25.13
CA GLN B 150 -23.84 10.58 26.50
C GLN B 150 -22.52 10.39 27.19
N TYR B 151 -21.64 11.35 26.95
CA TYR B 151 -20.28 11.29 27.45
C TYR B 151 -20.05 12.40 28.42
N GLU B 152 -19.78 12.05 29.68
CA GLU B 152 -19.45 13.04 30.68
C GLU B 152 -17.95 12.98 30.82
N LEU B 153 -17.29 14.13 30.62
CA LEU B 153 -15.84 14.25 30.81
C LEU B 153 -15.50 14.18 32.30
N LEU B 154 -14.69 13.23 32.71
CA LEU B 154 -14.34 13.18 34.14
C LEU B 154 -12.97 13.75 34.45
N GLY B 155 -12.04 13.62 33.52
CA GLY B 155 -10.68 14.09 33.71
C GLY B 155 -10.01 14.15 32.37
N GLU B 156 -8.98 14.98 32.23
CA GLU B 156 -8.18 15.01 31.00
C GLU B 156 -6.79 15.53 31.31
N SER B 157 -5.88 15.45 30.34
CA SER B 157 -4.54 16.02 30.50
C SER B 157 -4.57 17.51 30.42
N ILE B 158 -3.77 18.12 31.26
CA ILE B 158 -3.67 19.57 31.24
C ILE B 158 -2.45 19.96 30.42
N ASP B 159 -1.70 18.98 29.93
CA ASP B 159 -0.53 19.30 29.11
C ASP B 159 -0.32 18.22 28.04
N ASP B 160 0.70 17.37 28.11
CA ASP B 160 0.87 16.38 27.08
C ASP B 160 -0.10 15.22 27.19
N ALA B 161 -0.62 14.71 26.09
CA ALA B 161 -1.29 13.37 26.11
C ALA B 161 -0.31 12.24 26.38
N ALA B 162 -0.82 11.09 26.73
CA ALA B 162 0.06 9.94 27.02
C ALA B 162 0.85 9.49 25.75
N GLY B 163 0.20 9.52 24.61
CA GLY B 163 0.88 9.17 23.38
C GLY B 163 2.08 10.08 23.14
N GLU B 164 1.83 11.38 23.15
CA GLU B 164 2.90 12.29 22.87
C GLU B 164 4.01 12.17 23.92
N ALA B 165 3.68 11.85 25.17
CA ALA B 165 4.71 11.60 26.20
C ALA B 165 5.58 10.39 25.86
N PHE B 166 4.98 9.28 25.42
CA PHE B 166 5.77 8.15 24.91
C PHE B 166 6.64 8.60 23.72
N ASP B 167 6.10 9.38 22.79
CA ASP B 167 6.91 9.70 21.62
C ASP B 167 8.05 10.62 21.93
N LYS B 168 7.85 11.56 22.85
CA LYS B 168 8.93 12.50 23.20
C LYS B 168 10.04 11.82 23.97
N THR B 169 9.69 10.96 24.91
CA THR B 169 10.73 10.19 25.58
C THR B 169 11.41 9.21 24.59
N ALA B 170 10.64 8.58 23.72
CA ALA B 170 11.22 7.69 22.71
C ALA B 170 12.27 8.43 21.88
N LYS B 171 11.97 9.67 21.50
CA LYS B 171 12.92 10.56 20.81
C LYS B 171 14.20 10.76 21.63
N LEU B 172 14.07 10.99 22.94
CA LEU B 172 15.27 11.17 23.76
C LEU B 172 16.08 9.89 23.85
N LEU B 173 15.46 8.76 23.59
CA LEU B 173 16.16 7.51 23.59
C LEU B 173 16.74 7.21 22.19
N GLY B 174 16.53 8.13 21.25
CA GLY B 174 17.11 8.02 19.91
C GLY B 174 16.28 7.21 18.93
N LEU B 175 15.02 6.94 19.27
CA LEU B 175 14.12 6.17 18.42
C LEU B 175 13.44 7.01 17.35
N ASP B 176 13.00 6.39 16.25
CA ASP B 176 12.33 7.14 15.20
C ASP B 176 10.87 7.46 15.57
N TYR B 177 10.38 8.52 14.97
CA TYR B 177 9.07 9.02 15.24
C TYR B 177 8.08 8.22 14.44
N PRO B 178 6.95 7.81 15.04
CA PRO B 178 6.63 7.89 16.47
C PRO B 178 7.23 6.69 17.20
N GLY B 179 7.98 6.91 18.27
CA GLY B 179 8.69 5.81 18.93
C GLY B 179 7.96 5.15 20.10
N GLY B 180 6.69 5.46 20.30
CA GLY B 180 5.96 4.87 21.40
C GLY B 180 6.08 3.36 21.45
N PRO B 181 5.72 2.67 20.34
CA PRO B 181 5.82 1.22 20.22
C PRO B 181 7.17 0.71 20.44
N LEU B 182 8.16 1.42 19.90
CA LEU B 182 9.58 1.00 20.01
C LEU B 182 10.08 1.10 21.46
N LEU B 183 9.72 2.21 22.11
CA LEU B 183 10.02 2.45 23.52
C LEU B 183 9.48 1.27 24.33
N SER B 184 8.25 0.86 24.03
CA SER B 184 7.67 -0.30 24.70
C SER B 184 8.44 -1.59 24.46
N LYS B 185 8.97 -1.79 23.25
CA LYS B 185 9.74 -2.99 22.94
C LYS B 185 11.05 -2.95 23.72
N MET B 186 11.66 -1.78 23.80
CA MET B 186 12.85 -1.65 24.62
C MET B 186 12.54 -1.90 26.10
N ALA B 187 11.40 -1.43 26.57
CA ALA B 187 11.12 -1.55 27.99
C ALA B 187 11.05 -3.02 28.44
N ALA B 188 10.59 -3.90 27.55
CA ALA B 188 10.48 -5.33 27.84
C ALA B 188 11.80 -5.92 28.32
N GLN B 189 12.92 -5.42 27.80
CA GLN B 189 14.24 -5.88 28.22
C GLN B 189 14.64 -5.27 29.57
N GLY B 190 13.98 -4.19 29.98
CA GLY B 190 14.40 -3.45 31.19
C GLY B 190 14.19 -4.14 32.53
N THR B 191 14.99 -3.73 33.52
CA THR B 191 14.90 -4.22 34.90
C THR B 191 13.86 -3.43 35.73
N ALA B 192 12.93 -4.14 36.35
CA ALA B 192 11.90 -3.51 37.16
C ALA B 192 12.49 -2.87 38.41
N GLY B 193 12.14 -1.61 38.61
CA GLY B 193 12.51 -0.87 39.82
C GLY B 193 13.88 -0.19 39.77
N ARG B 194 14.68 -0.40 38.71
CA ARG B 194 16.03 0.19 38.73
C ARG B 194 15.92 1.71 38.83
N PHE B 195 15.06 2.33 38.02
CA PHE B 195 14.72 3.73 38.18
C PHE B 195 13.25 3.82 38.55
N VAL B 196 12.88 4.86 39.30
CA VAL B 196 11.48 5.06 39.68
C VAL B 196 11.04 6.46 39.37
N PHE B 197 10.03 6.58 38.51
CA PHE B 197 9.61 7.87 37.97
C PHE B 197 8.35 8.21 38.73
N PRO B 198 7.97 9.49 38.75
CA PRO B 198 6.73 9.84 39.41
C PRO B 198 5.49 9.40 38.66
N ARG B 199 4.44 9.15 39.43
CA ARG B 199 3.09 9.02 38.93
C ARG B 199 2.33 10.38 39.03
N PRO B 200 2.38 11.20 37.97
CA PRO B 200 1.88 12.59 38.18
C PRO B 200 0.38 12.72 38.52
N MET B 201 0.08 13.62 39.45
CA MET B 201 -1.28 13.94 39.90
C MET B 201 -1.99 12.75 40.58
N THR B 202 -1.24 11.90 41.25
CA THR B 202 -1.78 10.81 41.99
C THR B 202 -1.73 11.10 43.50
N ASP B 203 -1.02 12.14 43.93
CA ASP B 203 -0.91 12.45 45.36
C ASP B 203 -1.95 13.45 45.88
N ARG B 204 -2.85 13.88 45.01
CA ARG B 204 -4.04 14.63 45.39
C ARG B 204 -5.21 13.93 44.76
N PRO B 205 -6.42 14.13 45.30
CA PRO B 205 -7.55 13.56 44.57
C PRO B 205 -7.68 14.18 43.20
N GLY B 206 -8.49 13.52 42.36
CA GLY B 206 -8.96 14.12 41.11
C GLY B 206 -8.63 13.18 39.99
N LEU B 207 -9.16 13.51 38.83
CA LEU B 207 -9.13 12.62 37.67
C LEU B 207 -8.40 13.18 36.49
N ASP B 208 -7.74 14.30 36.69
CA ASP B 208 -7.00 14.92 35.57
C ASP B 208 -5.61 14.30 35.48
N PHE B 209 -4.97 14.50 34.34
CA PHE B 209 -3.61 14.05 34.10
C PHE B 209 -2.65 15.18 33.73
N SER B 210 -1.37 14.94 34.04
CA SER B 210 -0.21 15.70 33.57
C SER B 210 0.93 14.71 33.22
N PHE B 211 1.69 14.99 32.17
CA PHE B 211 2.78 14.09 31.75
C PHE B 211 4.07 14.80 31.41
N SER B 212 4.05 16.13 31.40
CA SER B 212 5.23 16.92 31.04
C SER B 212 6.35 16.81 32.00
N GLY B 213 6.04 16.71 33.28
CA GLY B 213 7.05 16.59 34.32
C GLY B 213 7.73 15.23 34.23
N LEU B 214 6.98 14.25 33.77
CA LEU B 214 7.47 12.90 33.57
C LEU B 214 8.51 12.81 32.43
N LYS B 215 8.33 13.60 31.37
CA LYS B 215 9.35 13.75 30.29
C LYS B 215 10.68 14.26 30.82
N THR B 216 10.61 15.38 31.53
CA THR B 216 11.77 16.02 32.14
C THR B 216 12.53 15.04 33.05
N PHE B 217 11.77 14.33 33.89
CA PHE B 217 12.34 13.32 34.78
C PHE B 217 13.08 12.23 33.99
N ALA B 218 12.57 11.86 32.82
CA ALA B 218 13.22 10.90 31.93
C ALA B 218 14.44 11.48 31.28
N ALA B 219 14.27 12.64 30.66
CA ALA B 219 15.40 13.30 30.04
C ALA B 219 16.56 13.49 31.01
N ASN B 220 16.28 13.84 32.26
CA ASN B 220 17.35 13.99 33.26
C ASN B 220 18.02 12.67 33.60
N THR B 221 17.22 11.61 33.65
CA THR B 221 17.75 10.28 33.98
C THR B 221 18.64 9.81 32.82
N ILE B 222 18.24 10.15 31.59
CA ILE B 222 19.05 9.84 30.43
C ILE B 222 20.42 10.53 30.47
N ARG B 223 20.40 11.79 30.87
CA ARG B 223 21.63 12.57 30.98
C ARG B 223 22.57 12.06 32.07
N ASP B 224 22.00 11.73 33.23
CA ASP B 224 22.80 11.43 34.42
C ASP B 224 23.23 9.95 34.51
N ASN B 225 23.03 9.19 33.43
CA ASN B 225 23.27 7.74 33.45
C ASN B 225 23.93 7.22 32.19
N GLY B 226 24.36 5.96 32.26
CA GLY B 226 25.00 5.30 31.13
C GLY B 226 24.14 5.27 29.90
N THR B 227 24.80 5.11 28.76
CA THR B 227 24.11 5.03 27.47
C THR B 227 24.14 3.58 26.92
N ASP B 228 24.54 2.61 27.75
CA ASP B 228 24.47 1.21 27.31
C ASP B 228 23.02 0.78 27.10
N ASP B 229 22.84 -0.28 26.33
CA ASP B 229 21.51 -0.71 25.92
C ASP B 229 20.66 -1.08 27.13
N GLN B 230 21.26 -1.77 28.09
CA GLN B 230 20.51 -2.19 29.26
C GLN B 230 19.98 -1.00 30.09
N THR B 231 20.81 0.01 30.28
CA THR B 231 20.44 1.18 31.05
C THR B 231 19.32 1.93 30.36
N ARG B 232 19.51 2.22 29.07
CA ARG B 232 18.44 2.76 28.22
C ARG B 232 17.14 1.91 28.27
N ALA B 233 17.25 0.59 28.28
CA ALA B 233 16.07 -0.25 28.46
C ALA B 233 15.46 -0.09 29.85
N ASP B 234 16.30 0.09 30.87
CA ASP B 234 15.83 0.25 32.24
C ASP B 234 15.02 1.55 32.41
N ILE B 235 15.41 2.56 31.64
CA ILE B 235 14.80 3.87 31.69
C ILE B 235 13.46 3.80 31.00
N ALA B 236 13.42 3.15 29.84
CA ALA B 236 12.23 3.00 29.03
C ALA B 236 11.17 2.20 29.82
N ARG B 237 11.62 1.22 30.62
CA ARG B 237 10.72 0.50 31.50
C ARG B 237 10.17 1.36 32.62
N ALA B 238 11.02 2.20 33.21
CA ALA B 238 10.59 2.99 34.33
C ALA B 238 9.55 4.02 33.84
N PHE B 239 9.78 4.55 32.66
CA PHE B 239 8.86 5.50 32.07
C PHE B 239 7.53 4.81 31.78
N GLU B 240 7.58 3.66 31.09
CA GLU B 240 6.35 2.98 30.73
C GLU B 240 5.52 2.64 32.01
N ASP B 241 6.20 2.02 32.99
CA ASP B 241 5.57 1.57 34.22
C ASP B 241 4.98 2.77 34.97
N ALA B 242 5.69 3.90 34.97
CA ALA B 242 5.18 5.14 35.57
C ALA B 242 3.90 5.61 34.87
N VAL B 243 3.91 5.67 33.55
CA VAL B 243 2.69 6.05 32.82
C VAL B 243 1.54 5.05 33.05
N VAL B 244 1.83 3.76 32.89
CA VAL B 244 0.82 2.73 33.05
C VAL B 244 0.18 2.73 34.47
N ASP B 245 1.01 2.91 35.51
CA ASP B 245 0.50 3.01 36.87
C ASP B 245 -0.36 4.24 37.06
N THR B 246 0.02 5.33 36.41
CA THR B 246 -0.74 6.54 36.53
C THR B 246 -2.14 6.38 35.92
N LEU B 247 -2.18 5.76 34.75
CA LEU B 247 -3.42 5.55 34.05
C LEU B 247 -4.33 4.63 34.87
N MET B 248 -3.74 3.58 35.40
CA MET B 248 -4.47 2.62 36.17
C MET B 248 -5.07 3.28 37.42
N ILE B 249 -4.24 4.01 38.14
CA ILE B 249 -4.72 4.68 39.35
C ILE B 249 -5.92 5.60 39.06
N LYS B 250 -5.81 6.33 37.96
CA LYS B 250 -6.84 7.22 37.58
C LYS B 250 -8.12 6.46 37.20
N CYS B 251 -7.97 5.38 36.44
CA CYS B 251 -9.08 4.56 36.08
C CYS B 251 -9.74 3.98 37.33
N LYS B 252 -8.97 3.58 38.32
CA LYS B 252 -9.54 3.04 39.55
C LYS B 252 -10.38 4.12 40.21
N ARG B 253 -9.85 5.33 40.25
CA ARG B 253 -10.60 6.39 40.90
C ARG B 253 -11.88 6.73 40.16
N ALA B 254 -11.85 6.65 38.83
CA ALA B 254 -13.03 6.91 38.02
C ALA B 254 -14.14 5.84 38.19
N LEU B 255 -13.72 4.59 38.29
CA LEU B 255 -14.63 3.50 38.53
C LEU B 255 -15.27 3.62 39.88
N ASP B 256 -14.45 3.97 40.87
CA ASP B 256 -14.93 4.20 42.22
C ASP B 256 -16.01 5.31 42.21
N GLN B 257 -15.74 6.40 41.51
CA GLN B 257 -16.62 7.58 41.55
C GLN B 257 -17.96 7.27 40.88
N THR B 258 -17.92 6.55 39.75
CA THR B 258 -19.08 6.28 38.93
C THR B 258 -19.88 5.04 39.37
N GLY B 259 -19.24 4.15 40.10
CA GLY B 259 -19.83 2.88 40.47
C GLY B 259 -19.87 1.87 39.33
N PHE B 260 -19.24 2.17 38.22
CA PHE B 260 -19.27 1.27 37.07
C PHE B 260 -18.35 0.04 37.22
N LYS B 261 -18.78 -1.08 36.65
CA LYS B 261 -18.01 -2.32 36.70
C LYS B 261 -17.27 -2.63 35.37
N ARG B 262 -17.36 -1.73 34.40
CA ARG B 262 -16.85 -1.93 33.06
C ARG B 262 -15.91 -0.79 32.67
N LEU B 263 -14.74 -1.18 32.19
CA LEU B 263 -13.69 -0.24 31.78
C LEU B 263 -13.29 -0.52 30.36
N VAL B 264 -13.46 0.49 29.53
CA VAL B 264 -13.14 0.45 28.14
C VAL B 264 -11.92 1.33 27.88
N MET B 265 -10.97 0.81 27.10
CA MET B 265 -9.69 1.51 26.82
C MET B 265 -9.66 1.68 25.31
N ALA B 266 -9.24 2.84 24.85
CA ALA B 266 -9.15 2.99 23.43
C ALA B 266 -8.12 4.03 23.05
N GLY B 267 -7.87 4.17 21.74
CA GLY B 267 -6.78 5.02 21.29
C GLY B 267 -5.47 4.27 21.24
N GLY B 268 -4.50 4.88 20.57
CA GLY B 268 -3.32 4.20 20.19
C GLY B 268 -2.58 3.62 21.32
N VAL B 269 -2.54 4.32 22.42
CA VAL B 269 -1.81 3.80 23.56
C VAL B 269 -2.45 2.53 24.17
N SER B 270 -3.74 2.26 23.86
CA SER B 270 -4.41 1.04 24.33
C SER B 270 -3.88 -0.19 23.65
N ALA B 271 -3.04 -0.03 22.63
CA ALA B 271 -2.27 -1.15 22.07
C ALA B 271 -1.19 -1.57 23.03
N ASN B 272 -0.85 -0.72 23.99
CA ASN B 272 0.29 -1.03 24.86
C ASN B 272 0.05 -2.30 25.69
N ARG B 273 0.93 -3.27 25.51
CA ARG B 273 0.88 -4.53 26.20
C ARG B 273 0.86 -4.44 27.74
N THR B 274 1.70 -3.61 28.33
CA THR B 274 1.77 -3.46 29.79
C THR B 274 0.48 -2.80 30.29
N LEU B 275 -0.07 -1.87 29.55
CA LEU B 275 -1.29 -1.23 29.98
C LEU B 275 -2.47 -2.23 29.90
N ARG B 276 -2.56 -3.03 28.82
CA ARG B 276 -3.61 -3.99 28.68
C ARG B 276 -3.57 -4.97 29.81
N ALA B 277 -2.39 -5.52 30.13
CA ALA B 277 -2.25 -6.48 31.23
C ALA B 277 -2.61 -5.87 32.61
N LYS B 278 -2.17 -4.65 32.86
CA LYS B 278 -2.45 -4.03 34.13
C LYS B 278 -3.93 -3.71 34.32
N LEU B 279 -4.62 -3.15 33.32
CA LEU B 279 -6.05 -2.88 33.44
C LEU B 279 -6.88 -4.17 33.51
N ALA B 280 -6.47 -5.22 32.82
CA ALA B 280 -7.17 -6.51 32.89
C ALA B 280 -7.07 -7.13 34.29
N GLU B 281 -5.86 -7.17 34.85
CA GLU B 281 -5.61 -7.56 36.24
C GLU B 281 -6.50 -6.74 37.23
N MET B 282 -6.46 -5.42 37.11
CA MET B 282 -7.30 -4.60 37.96
C MET B 282 -8.80 -4.99 37.86
N MET B 283 -9.32 -5.09 36.65
CA MET B 283 -10.73 -5.37 36.51
C MET B 283 -11.11 -6.76 37.05
N LYS B 284 -10.18 -7.71 36.94
CA LYS B 284 -10.39 -9.00 37.55
C LYS B 284 -10.50 -8.87 39.07
N LYS B 285 -9.58 -8.18 39.70
CA LYS B 285 -9.62 -8.02 41.14
C LYS B 285 -10.88 -7.29 41.56
N ARG B 286 -11.42 -6.46 40.67
CA ARG B 286 -12.63 -5.72 41.02
C ARG B 286 -13.92 -6.50 40.76
N ARG B 287 -13.78 -7.70 40.20
CA ARG B 287 -14.88 -8.48 39.65
C ARG B 287 -15.69 -7.70 38.61
N GLY B 288 -14.98 -6.94 37.77
CA GLY B 288 -15.60 -6.24 36.67
C GLY B 288 -14.98 -6.74 35.37
N GLU B 289 -15.03 -5.95 34.31
CA GLU B 289 -14.48 -6.40 33.03
C GLU B 289 -13.74 -5.28 32.34
N VAL B 290 -12.61 -5.61 31.72
CA VAL B 290 -11.95 -4.66 30.84
C VAL B 290 -12.30 -4.95 29.41
N PHE B 291 -12.34 -3.89 28.59
CA PHE B 291 -12.56 -4.04 27.15
C PHE B 291 -11.54 -3.23 26.37
N TYR B 292 -11.00 -3.27 25.44
CA TYR B 292 -9.96 -2.92 24.48
C TYR B 292 -10.01 -3.88 23.31
N ALA B 293 -9.78 -3.04 22.04
CA ALA B 293 -9.79 -3.68 20.72
C ALA B 293 -8.50 -4.44 20.49
N ARG B 294 -8.53 -5.24 19.46
CA ARG B 294 -7.30 -5.80 18.90
C ARG B 294 -6.30 -4.69 18.58
N PRO B 295 -5.02 -4.98 18.67
CA PRO B 295 -4.05 -3.86 18.60
C PRO B 295 -4.18 -3.03 17.30
N GLU B 296 -4.45 -3.67 16.17
CA GLU B 296 -4.60 -2.88 14.93
C GLU B 296 -5.78 -1.92 14.93
N PHE B 297 -6.77 -2.11 15.82
CA PHE B 297 -7.90 -1.18 15.92
C PHE B 297 -7.77 -0.15 17.04
N CYS B 298 -6.63 -0.16 17.73
CA CYS B 298 -6.38 0.80 18.81
C CYS B 298 -5.84 2.02 18.15
N THR B 299 -4.80 1.85 17.33
CA THR B 299 -4.33 2.91 16.42
C THR B 299 -5.32 3.15 15.29
N ASP B 300 -5.14 4.27 14.57
CA ASP B 300 -6.09 4.75 13.58
C ASP B 300 -6.41 3.78 12.50
N ASN B 301 -7.71 3.65 12.20
CA ASN B 301 -8.13 2.70 11.21
C ASN B 301 -9.49 3.10 10.72
N GLY B 302 -9.96 2.53 9.61
CA GLY B 302 -11.33 2.86 9.14
C GLY B 302 -12.43 1.97 9.73
N ALA B 303 -12.06 0.87 10.29
CA ALA B 303 -13.01 -0.09 10.80
C ALA B 303 -13.83 0.63 11.83
N MET B 304 -13.15 1.33 12.74
CA MET B 304 -13.88 2.04 13.80
C MET B 304 -14.78 3.14 13.26
N ILE B 305 -14.42 3.69 12.10
CA ILE B 305 -15.24 4.74 11.51
C ILE B 305 -16.48 4.15 10.83
N ALA B 306 -16.36 2.98 10.21
CA ALA B 306 -17.54 2.38 9.63
C ALA B 306 -18.48 1.90 10.72
N TYR B 307 -17.94 1.42 11.84
CA TYR B 307 -18.77 1.04 12.94
C TYR B 307 -19.48 2.23 13.56
N ALA B 308 -18.72 3.24 13.91
CA ALA B 308 -19.30 4.42 14.55
C ALA B 308 -20.23 5.18 13.60
N GLY B 309 -19.95 5.10 12.31
CA GLY B 309 -20.83 5.67 11.30
C GLY B 309 -22.16 4.94 11.25
N MET B 310 -22.11 3.63 11.43
CA MET B 310 -23.31 2.82 11.56
C MET B 310 -24.15 3.32 12.74
N VAL B 311 -23.50 3.48 13.89
CA VAL B 311 -24.18 3.85 15.13
C VAL B 311 -24.77 5.26 15.03
N ARG B 312 -24.03 6.18 14.43
CA ARG B 312 -24.54 7.54 14.28
C ARG B 312 -25.64 7.58 13.24
N PHE B 313 -25.59 6.72 12.24
CA PHE B 313 -26.69 6.70 11.26
C PHE B 313 -28.01 6.28 11.93
N LYS B 314 -27.89 5.27 12.78
CA LYS B 314 -29.03 4.79 13.50
C LYS B 314 -29.54 5.78 14.53
N ALA B 315 -28.66 6.62 15.03
CA ALA B 315 -29.03 7.71 15.94
C ALA B 315 -29.47 9.00 15.24
N GLY B 316 -29.50 9.04 13.91
CA GLY B 316 -30.12 10.18 13.22
C GLY B 316 -29.21 11.28 12.73
N ALA B 317 -27.91 11.02 12.70
CA ALA B 317 -26.88 12.07 12.41
C ALA B 317 -26.47 12.05 10.97
N THR B 318 -27.31 12.59 10.11
CA THR B 318 -27.05 12.62 8.67
C THR B 318 -26.67 14.05 8.25
N ALA B 319 -25.79 14.16 7.25
CA ALA B 319 -25.32 15.45 6.80
C ALA B 319 -26.12 15.97 5.61
N ASP B 320 -26.33 17.28 5.60
CA ASP B 320 -26.80 17.97 4.40
C ASP B 320 -25.67 18.00 3.35
N LEU B 321 -25.92 18.65 2.20
CA LEU B 321 -24.95 18.71 1.09
C LEU B 321 -23.62 19.41 1.38
N GLY B 322 -23.58 20.22 2.43
CA GLY B 322 -22.34 20.86 2.84
C GLY B 322 -21.33 19.86 3.34
N VAL B 323 -20.07 20.24 3.29
CA VAL B 323 -19.05 19.42 3.92
C VAL B 323 -18.34 20.33 4.89
N SER B 324 -18.28 19.89 6.14
CA SER B 324 -17.49 20.64 7.11
C SER B 324 -16.63 19.72 7.90
N VAL B 325 -15.56 20.29 8.43
CA VAL B 325 -14.67 19.56 9.32
C VAL B 325 -14.45 20.45 10.53
N ARG B 326 -14.14 19.81 11.65
CA ARG B 326 -13.86 20.51 12.89
C ARG B 326 -12.59 19.92 13.40
N PRO B 327 -11.48 20.63 13.25
CA PRO B 327 -10.23 20.10 13.69
C PRO B 327 -10.15 19.91 15.18
N ARG B 328 -10.78 20.82 15.91
CA ARG B 328 -10.91 20.75 17.37
C ARG B 328 -12.39 20.51 17.63
N TRP B 329 -12.71 19.47 18.36
CA TRP B 329 -14.11 19.05 18.44
C TRP B 329 -14.26 18.23 19.72
N PRO B 330 -14.75 18.84 20.81
CA PRO B 330 -14.74 18.04 22.04
C PRO B 330 -15.76 16.91 21.99
N LEU B 331 -15.37 15.78 22.55
CA LEU B 331 -16.23 14.62 22.62
C LEU B 331 -17.47 14.84 23.48
N ALA B 332 -17.31 15.48 24.63
CA ALA B 332 -18.44 15.81 25.51
C ALA B 332 -19.53 16.70 24.87
N GLU B 333 -19.19 17.44 23.80
CA GLU B 333 -20.13 18.31 23.06
C GLU B 333 -20.89 17.60 21.90
N LEU B 334 -20.65 16.31 21.67
CA LEU B 334 -21.48 15.54 20.74
C LEU B 334 -22.90 15.36 21.31
N PRO B 335 -23.93 15.51 20.44
CA PRO B 335 -25.30 15.27 20.89
C PRO B 335 -25.61 13.80 21.26
N ALA B 336 -26.56 13.63 22.17
CA ALA B 336 -27.14 12.32 22.44
C ALA B 336 -27.82 11.76 21.13
N ALA B 337 -27.92 10.44 21.03
CA ALA B 337 -28.70 9.76 20.00
C ALA B 337 -30.14 10.28 20.00
N HIS B 338 -30.71 10.59 18.85
CA HIS B 338 -32.15 10.88 18.86
C HIS B 338 -32.93 9.62 18.39
N MET C 1 25.63 -36.19 15.66
CA MET C 1 25.00 -35.57 14.46
C MET C 1 25.24 -34.05 14.51
N ARG C 2 25.05 -33.37 13.37
CA ARG C 2 25.05 -31.94 13.28
C ARG C 2 23.77 -31.57 12.64
N ILE C 3 23.09 -30.62 13.28
CA ILE C 3 21.81 -30.08 12.83
C ILE C 3 21.79 -28.57 12.85
N LEU C 4 21.42 -28.03 11.70
CA LEU C 4 21.28 -26.58 11.54
C LEU C 4 19.78 -26.20 11.51
N ALA C 5 19.40 -25.26 12.38
CA ALA C 5 18.04 -24.75 12.50
C ALA C 5 17.97 -23.32 12.12
N ILE C 6 16.92 -22.95 11.39
CA ILE C 6 16.64 -21.58 10.99
C ILE C 6 15.21 -21.21 11.35
N ASP C 7 15.01 -19.99 11.87
CA ASP C 7 13.67 -19.48 12.05
C ASP C 7 13.46 -17.98 11.82
N THR C 8 12.39 -17.65 11.08
CA THR C 8 11.97 -16.25 10.80
C THR C 8 10.45 -16.00 10.83
N ALA C 9 9.71 -16.90 11.48
CA ALA C 9 8.26 -16.88 11.43
C ALA C 9 7.64 -15.71 12.18
N THR C 10 8.39 -15.11 13.11
CA THR C 10 7.88 -14.05 13.96
C THR C 10 8.86 -12.90 13.81
N GLU C 11 8.76 -11.90 14.67
CA GLU C 11 9.68 -10.75 14.72
C GLU C 11 11.15 -11.13 14.89
N ALA C 12 11.42 -12.28 15.48
CA ALA C 12 12.80 -12.76 15.69
C ALA C 12 13.38 -13.44 14.45
N CYS C 13 14.71 -13.31 14.26
CA CYS C 13 15.49 -14.20 13.39
C CYS C 13 16.44 -14.91 14.22
N SER C 14 16.63 -16.19 13.94
CA SER C 14 17.55 -16.99 14.74
C SER C 14 18.08 -18.10 13.88
N VAL C 15 19.31 -18.51 14.18
CA VAL C 15 19.91 -19.65 13.56
C VAL C 15 20.61 -20.35 14.71
N ALA C 16 20.72 -21.66 14.65
CA ALA C 16 21.41 -22.36 15.71
C ALA C 16 21.94 -23.66 15.15
N LEU C 17 23.10 -24.06 15.63
CA LEU C 17 23.69 -25.30 15.20
C LEU C 17 23.95 -26.22 16.37
N TRP C 18 23.37 -27.41 16.30
CA TRP C 18 23.74 -28.53 17.16
C TRP C 18 25.00 -29.20 16.54
N ASN C 19 26.13 -29.04 17.21
CA ASN C 19 27.40 -29.48 16.67
C ASN C 19 28.00 -30.55 17.54
N ASP C 20 27.44 -31.77 17.47
CA ASP C 20 28.03 -32.91 18.19
C ASP C 20 28.32 -32.53 19.66
N GLY C 21 27.31 -32.06 20.36
CA GLY C 21 27.39 -31.90 21.82
C GLY C 21 27.43 -30.46 22.36
N THR C 22 27.56 -29.49 21.46
CA THR C 22 27.51 -28.07 21.84
C THR C 22 26.53 -27.37 20.94
N VAL C 23 26.01 -26.26 21.40
CA VAL C 23 25.18 -25.43 20.61
C VAL C 23 25.84 -24.10 20.35
N ASN C 24 25.74 -23.68 19.10
CA ASN C 24 26.19 -22.38 18.66
C ASN C 24 25.00 -21.66 18.06
N ALA C 25 24.57 -20.59 18.68
CA ALA C 25 23.30 -19.95 18.31
C ALA C 25 23.36 -18.45 18.29
N HIS C 26 22.49 -17.88 17.45
CA HIS C 26 22.24 -16.44 17.34
C HIS C 26 20.73 -16.22 17.44
N PHE C 27 20.37 -15.10 18.05
CA PHE C 27 18.99 -14.70 18.19
C PHE C 27 18.93 -13.18 18.30
N GLU C 28 18.09 -12.60 17.47
CA GLU C 28 17.76 -11.19 17.58
C GLU C 28 16.38 -10.87 17.01
N LEU C 29 15.90 -9.70 17.40
CA LEU C 29 14.71 -9.15 16.84
C LEU C 29 15.14 -8.50 15.53
N CYS C 30 14.46 -8.87 14.44
CA CYS C 30 14.76 -8.34 13.14
C CYS C 30 13.60 -7.71 12.42
N PRO C 31 12.73 -6.98 13.11
CA PRO C 31 11.63 -6.46 12.30
C PRO C 31 12.20 -5.68 11.10
N ARG C 32 11.73 -6.02 9.90
CA ARG C 32 12.14 -5.36 8.66
C ARG C 32 13.52 -5.82 8.16
N GLU C 33 14.21 -6.72 8.87
CA GLU C 33 15.61 -7.04 8.58
C GLU C 33 15.87 -8.55 8.36
N HIS C 34 14.84 -9.40 8.49
CA HIS C 34 15.05 -10.83 8.42
C HIS C 34 15.93 -11.23 7.23
N THR C 35 15.62 -10.70 6.05
CA THR C 35 16.31 -11.14 4.86
C THR C 35 17.71 -10.55 4.76
N GLN C 36 18.00 -9.51 5.52
CA GLN C 36 19.36 -8.96 5.57
C GLN C 36 20.27 -9.68 6.58
N ARG C 37 19.66 -10.40 7.53
CA ARG C 37 20.43 -10.96 8.65
C ARG C 37 20.61 -12.47 8.55
N ILE C 38 19.61 -13.12 7.98
CA ILE C 38 19.55 -14.57 8.05
C ILE C 38 20.77 -15.30 7.43
N LEU C 39 21.20 -14.99 6.21
CA LEU C 39 22.38 -15.72 5.66
C LEU C 39 23.68 -15.35 6.35
N PRO C 40 23.86 -14.06 6.72
CA PRO C 40 25.05 -13.71 7.51
C PRO C 40 25.12 -14.45 8.84
N MET C 41 23.97 -14.65 9.48
CA MET C 41 23.96 -15.52 10.66
C MET C 41 24.38 -16.96 10.37
N VAL C 42 23.81 -17.54 9.32
CA VAL C 42 24.19 -18.91 8.93
C VAL C 42 25.70 -18.98 8.72
N GLN C 43 26.20 -18.05 7.91
CA GLN C 43 27.62 -17.99 7.58
C GLN C 43 28.47 -17.92 8.83
N ASP C 44 28.10 -17.03 9.73
CA ASP C 44 28.85 -16.84 10.93
C ASP C 44 28.85 -18.10 11.79
N ILE C 45 27.69 -18.72 11.96
CA ILE C 45 27.62 -19.96 12.74
C ILE C 45 28.52 -21.05 12.12
N LEU C 46 28.43 -21.27 10.82
CA LEU C 46 29.21 -22.34 10.22
C LEU C 46 30.71 -22.08 10.38
N THR C 47 31.09 -20.81 10.23
CA THR C 47 32.49 -20.45 10.25
C THR C 47 33.04 -20.60 11.66
N THR C 48 32.31 -20.06 12.64
CA THR C 48 32.77 -20.09 14.03
C THR C 48 32.78 -21.50 14.60
N SER C 49 31.95 -22.39 14.08
CA SER C 49 31.94 -23.78 14.51
C SER C 49 32.81 -24.64 13.60
N GLY C 50 33.26 -24.10 12.49
CA GLY C 50 34.23 -24.81 11.66
C GLY C 50 33.61 -25.98 10.94
N THR C 51 32.36 -25.78 10.54
CA THR C 51 31.61 -26.79 9.84
C THR C 51 31.18 -26.21 8.53
N SER C 52 30.95 -27.05 7.55
CA SER C 52 30.37 -26.54 6.34
C SER C 52 29.05 -27.20 6.08
N LEU C 53 28.34 -26.57 5.16
CA LEU C 53 26.97 -26.87 4.96
C LEU C 53 26.85 -28.36 4.58
N THR C 54 27.82 -28.90 3.85
CA THR C 54 27.71 -30.30 3.44
C THR C 54 28.13 -31.31 4.54
N ASP C 55 28.60 -30.82 5.68
CA ASP C 55 28.77 -31.69 6.89
C ASP C 55 27.48 -31.82 7.73
N ILE C 56 26.46 -31.04 7.40
CA ILE C 56 25.25 -31.04 8.18
C ILE C 56 24.39 -32.31 7.88
N ASN C 57 23.75 -32.88 8.89
CA ASN C 57 22.89 -34.06 8.66
C ASN C 57 21.44 -33.71 8.32
N ALA C 58 20.96 -32.59 8.82
CA ALA C 58 19.65 -32.11 8.47
C ALA C 58 19.50 -30.63 8.75
N LEU C 59 18.56 -30.06 8.03
CA LEU C 59 18.19 -28.67 8.16
C LEU C 59 16.81 -28.55 8.75
N ALA C 60 16.76 -28.02 9.94
CA ALA C 60 15.52 -27.81 10.63
C ALA C 60 15.06 -26.39 10.28
N TYR C 61 13.76 -26.26 9.98
CA TYR C 61 13.21 -24.96 9.62
C TYR C 61 11.96 -24.67 10.40
N GLY C 62 11.72 -23.40 10.73
CA GLY C 62 10.47 -22.98 11.40
C GLY C 62 9.35 -23.04 10.39
N ARG C 63 8.47 -24.04 10.52
CA ARG C 63 7.39 -24.28 9.53
C ARG C 63 6.17 -23.39 9.62
N GLY C 64 5.98 -22.78 10.79
CA GLY C 64 4.85 -21.95 11.04
C GLY C 64 4.15 -22.51 12.24
N PRO C 65 3.07 -21.87 12.66
CA PRO C 65 2.45 -20.71 12.03
C PRO C 65 3.15 -19.42 12.39
N GLY C 66 2.76 -18.33 11.73
CA GLY C 66 3.19 -17.02 12.17
C GLY C 66 3.00 -16.02 11.07
N SER C 67 3.94 -15.08 10.92
CA SER C 67 3.87 -14.14 9.79
C SER C 67 3.91 -14.93 8.45
N PHE C 68 2.94 -14.70 7.58
CA PHE C 68 2.91 -15.40 6.31
C PHE C 68 4.22 -15.12 5.57
N THR C 69 4.58 -13.85 5.44
CA THR C 69 5.84 -13.49 4.78
C THR C 69 7.05 -14.10 5.48
N GLY C 70 7.06 -14.04 6.80
CA GLY C 70 8.14 -14.54 7.62
C GLY C 70 8.35 -16.03 7.44
N VAL C 71 7.27 -16.78 7.60
CA VAL C 71 7.27 -18.18 7.39
C VAL C 71 7.85 -18.51 5.98
N ARG C 72 7.45 -17.77 4.96
CA ARG C 72 7.95 -18.05 3.62
C ARG C 72 9.42 -17.69 3.50
N ILE C 73 9.85 -16.62 4.18
CA ILE C 73 11.28 -16.31 4.18
C ILE C 73 12.04 -17.50 4.69
N GLY C 74 11.61 -17.98 5.85
CA GLY C 74 12.25 -19.12 6.53
C GLY C 74 12.35 -20.35 5.67
N ILE C 75 11.25 -20.79 5.09
CA ILE C 75 11.28 -21.99 4.30
C ILE C 75 11.97 -21.78 2.92
N GLY C 76 11.87 -20.58 2.35
CA GLY C 76 12.66 -20.17 1.17
C GLY C 76 14.17 -20.38 1.33
N ILE C 77 14.69 -19.78 2.39
CA ILE C 77 16.09 -19.84 2.70
C ILE C 77 16.45 -21.30 2.97
N ALA C 78 15.62 -21.97 3.78
CA ALA C 78 15.93 -23.31 4.22
C ALA C 78 15.94 -24.22 3.01
N GLN C 79 14.99 -23.99 2.08
CA GLN C 79 14.94 -24.76 0.83
C GLN C 79 16.12 -24.58 -0.12
N GLY C 80 16.58 -23.36 -0.31
CA GLY C 80 17.73 -23.19 -1.17
C GLY C 80 18.95 -23.86 -0.55
N LEU C 81 19.07 -23.76 0.80
CA LEU C 81 20.19 -24.38 1.52
C LEU C 81 20.14 -25.89 1.38
N ALA C 82 18.94 -26.44 1.56
CA ALA C 82 18.80 -27.87 1.51
C ALA C 82 18.92 -28.39 0.09
N LEU C 83 18.30 -27.71 -0.85
CA LEU C 83 18.48 -28.10 -2.26
C LEU C 83 19.98 -28.03 -2.61
N GLY C 84 20.64 -26.98 -2.14
CA GLY C 84 22.00 -26.73 -2.55
C GLY C 84 22.98 -27.76 -1.99
N ALA C 85 22.80 -28.13 -0.71
CA ALA C 85 23.70 -29.08 -0.07
C ALA C 85 23.10 -30.47 0.07
N GLU C 86 21.94 -30.71 -0.54
CA GLU C 86 21.31 -32.04 -0.50
C GLU C 86 21.07 -32.44 0.94
N LEU C 87 20.39 -31.60 1.67
CA LEU C 87 20.09 -31.92 3.05
C LEU C 87 18.65 -32.34 3.21
N PRO C 88 18.42 -33.38 3.98
CA PRO C 88 17.05 -33.60 4.42
C PRO C 88 16.60 -32.51 5.33
N MET C 89 15.29 -32.26 5.35
CA MET C 89 14.71 -31.14 6.09
C MET C 89 13.77 -31.60 7.20
N ILE C 90 13.68 -30.81 8.27
CA ILE C 90 12.82 -31.14 9.44
C ILE C 90 12.01 -29.92 9.79
N GLY C 91 10.72 -29.98 9.58
CA GLY C 91 9.88 -28.80 9.85
C GLY C 91 9.50 -28.77 11.33
N VAL C 92 9.68 -27.64 11.99
CA VAL C 92 9.35 -27.56 13.41
C VAL C 92 8.34 -26.47 13.66
N SER C 93 7.28 -26.83 14.39
CA SER C 93 6.24 -25.85 14.79
C SER C 93 6.83 -24.72 15.63
N THR C 94 6.46 -23.49 15.29
CA THR C 94 6.85 -22.33 16.12
C THR C 94 6.18 -22.41 17.52
N LEU C 95 4.99 -23.00 17.59
CA LEU C 95 4.32 -23.16 18.85
C LEU C 95 5.11 -24.16 19.76
N MET C 96 5.50 -25.28 19.16
CA MET C 96 6.19 -26.27 19.92
C MET C 96 7.56 -25.76 20.39
N THR C 97 8.23 -25.01 19.53
CA THR C 97 9.52 -24.41 19.85
C THR C 97 9.44 -23.48 21.08
N MET C 98 8.36 -22.69 21.20
CA MET C 98 8.21 -21.86 22.39
C MET C 98 7.96 -22.67 23.62
N ALA C 99 7.25 -23.78 23.50
CA ALA C 99 7.10 -24.70 24.63
C ALA C 99 8.45 -25.21 25.12
N GLN C 100 9.24 -25.74 24.20
CA GLN C 100 10.62 -26.15 24.53
C GLN C 100 11.42 -25.02 25.19
N GLY C 101 11.20 -23.79 24.73
CA GLY C 101 11.90 -22.66 25.31
C GLY C 101 11.57 -22.52 26.78
N ALA C 102 10.30 -22.74 27.10
CA ALA C 102 9.82 -22.60 28.44
C ALA C 102 10.43 -23.72 29.28
N TRP C 103 10.50 -24.92 28.73
CA TRP C 103 11.13 -26.02 29.44
C TRP C 103 12.58 -25.65 29.73
N ARG C 104 13.27 -25.10 28.74
CA ARG C 104 14.65 -24.70 28.94
C ARG C 104 14.77 -23.62 30.02
N LYS C 105 13.97 -22.56 29.92
CA LYS C 105 14.12 -21.42 30.81
C LYS C 105 13.75 -21.70 32.28
N ASN C 106 12.74 -22.57 32.51
CA ASN C 106 12.16 -22.72 33.85
C ASN C 106 11.50 -24.07 34.12
N GLY C 107 11.82 -25.09 33.32
CA GLY C 107 11.35 -26.44 33.65
C GLY C 107 9.88 -26.70 33.35
N ALA C 108 9.23 -25.81 32.61
CA ALA C 108 7.79 -25.99 32.29
C ALA C 108 7.55 -27.23 31.45
N THR C 109 6.46 -27.92 31.71
CA THR C 109 6.15 -29.16 31.06
C THR C 109 4.76 -29.19 30.48
N ARG C 110 3.95 -28.20 30.81
CA ARG C 110 2.64 -28.04 30.19
C ARG C 110 2.49 -26.59 29.76
N VAL C 111 2.32 -26.39 28.45
CA VAL C 111 2.40 -25.06 27.87
C VAL C 111 1.19 -24.73 27.01
N LEU C 112 0.65 -23.55 27.22
CA LEU C 112 -0.34 -22.96 26.36
C LEU C 112 0.34 -21.89 25.51
N ALA C 113 0.57 -22.21 24.26
CA ALA C 113 1.16 -21.32 23.28
C ALA C 113 0.11 -20.56 22.52
N ALA C 114 0.24 -19.24 22.48
CA ALA C 114 -0.67 -18.42 21.72
C ALA C 114 0.15 -17.39 20.98
N ILE C 115 0.06 -17.41 19.64
CA ILE C 115 0.70 -16.38 18.81
C ILE C 115 -0.33 -15.39 18.29
N ASP C 116 -0.03 -14.10 18.38
CA ASP C 116 -0.93 -13.10 17.84
C ASP C 116 -0.97 -13.27 16.30
N ALA C 117 -2.10 -13.73 15.78
CA ALA C 117 -2.29 -13.97 14.37
C ALA C 117 -2.94 -12.81 13.65
N ARG C 118 -3.29 -11.78 14.40
CA ARG C 118 -3.97 -10.64 13.83
C ARG C 118 -5.38 -11.01 13.50
N MET C 119 -6.10 -10.04 12.97
CA MET C 119 -7.51 -10.16 12.68
C MET C 119 -8.29 -10.64 13.89
N GLY C 120 -7.81 -10.30 15.09
CA GLY C 120 -8.45 -10.72 16.34
C GLY C 120 -8.43 -12.22 16.62
N GLU C 121 -7.44 -12.90 16.06
CA GLU C 121 -7.24 -14.32 16.34
C GLU C 121 -5.86 -14.60 16.89
N VAL C 122 -5.71 -15.81 17.40
CA VAL C 122 -4.43 -16.30 17.78
C VAL C 122 -4.22 -17.69 17.22
N TYR C 123 -2.94 -18.02 17.02
CA TYR C 123 -2.54 -19.38 16.72
C TYR C 123 -2.26 -20.09 18.07
N TRP C 124 -2.91 -21.22 18.28
CA TRP C 124 -3.05 -21.83 19.59
C TRP C 124 -2.51 -23.22 19.63
N ALA C 125 -1.89 -23.60 20.75
CA ALA C 125 -1.60 -25.02 21.01
C ALA C 125 -1.45 -25.34 22.49
N GLU C 126 -1.72 -26.61 22.81
CA GLU C 126 -1.58 -27.13 24.18
C GLU C 126 -0.49 -28.20 24.14
N TYR C 127 0.71 -27.93 24.71
CA TYR C 127 1.87 -28.83 24.56
C TYR C 127 2.20 -29.35 25.91
N GLN C 128 2.48 -30.65 25.99
CA GLN C 128 2.82 -31.31 27.26
C GLN C 128 3.95 -32.27 27.05
N ARG C 129 4.93 -32.20 27.92
CA ARG C 129 6.17 -32.90 27.75
C ARG C 129 6.17 -34.17 28.60
N ASP C 130 6.40 -35.34 27.99
CA ASP C 130 6.46 -36.59 28.76
C ASP C 130 7.84 -36.83 29.38
N GLU C 131 7.98 -37.93 30.10
CA GLU C 131 9.21 -38.23 30.84
C GLU C 131 10.43 -38.49 29.91
N ASN C 132 10.14 -38.75 28.64
CA ASN C 132 11.20 -38.89 27.65
C ASN C 132 11.53 -37.60 26.90
N GLY C 133 10.90 -36.49 27.30
CA GLY C 133 11.13 -35.18 26.67
C GLY C 133 10.38 -34.91 25.36
N ILE C 134 9.48 -35.81 25.00
CA ILE C 134 8.70 -35.63 23.80
C ILE C 134 7.51 -34.74 24.09
N TRP C 135 7.29 -33.78 23.19
CA TRP C 135 6.15 -32.87 23.28
C TRP C 135 4.89 -33.46 22.60
N HIS C 136 3.84 -33.64 23.40
CA HIS C 136 2.53 -34.06 22.89
C HIS C 136 1.60 -32.89 22.75
N GLY C 137 0.75 -32.92 21.72
CA GLY C 137 -0.25 -31.89 21.51
C GLY C 137 -0.30 -31.22 20.15
N GLU C 138 0.48 -31.72 19.19
CA GLU C 138 0.49 -31.18 17.82
C GLU C 138 -0.90 -31.19 17.16
N GLU C 139 -1.72 -32.21 17.44
CA GLU C 139 -3.07 -32.21 16.93
C GLU C 139 -3.93 -30.98 17.43
N THR C 140 -3.49 -30.26 18.47
CA THR C 140 -4.31 -29.15 19.00
C THR C 140 -4.10 -27.82 18.30
N GLU C 141 -3.16 -27.78 17.34
CA GLU C 141 -2.72 -26.51 16.72
C GLU C 141 -3.87 -25.92 15.93
N ALA C 142 -4.14 -24.64 16.10
CA ALA C 142 -5.26 -24.03 15.41
C ALA C 142 -5.24 -22.51 15.44
N VAL C 143 -5.93 -21.89 14.49
CA VAL C 143 -6.10 -20.44 14.53
C VAL C 143 -7.48 -20.22 15.08
N LEU C 144 -7.57 -19.50 16.20
CA LEU C 144 -8.85 -19.37 16.96
C LEU C 144 -9.18 -17.95 17.42
N LYS C 145 -10.47 -17.64 17.45
CA LYS C 145 -10.95 -16.44 18.15
C LYS C 145 -10.78 -16.64 19.70
N PRO C 146 -10.44 -15.57 20.43
CA PRO C 146 -10.31 -15.63 21.89
C PRO C 146 -11.46 -16.22 22.63
N GLU C 147 -12.69 -15.99 22.21
CA GLU C 147 -13.80 -16.61 22.94
C GLU C 147 -13.84 -18.14 22.77
N ILE C 148 -13.29 -18.64 21.68
CA ILE C 148 -13.19 -20.07 21.45
C ILE C 148 -12.02 -20.63 22.26
N VAL C 149 -10.97 -19.84 22.43
CA VAL C 149 -9.86 -20.26 23.26
C VAL C 149 -10.39 -20.41 24.67
N HIS C 150 -11.24 -19.47 25.08
CA HIS C 150 -11.78 -19.46 26.41
C HIS C 150 -12.56 -20.73 26.67
N GLU C 151 -13.47 -21.08 25.78
CA GLU C 151 -14.19 -22.35 25.85
C GLU C 151 -13.21 -23.54 25.93
N ARG C 152 -12.22 -23.54 25.08
CA ARG C 152 -11.27 -24.63 25.11
C ARG C 152 -10.53 -24.72 26.44
N MET C 153 -10.17 -23.61 27.04
CA MET C 153 -9.47 -23.68 28.30
C MET C 153 -10.35 -24.26 29.42
N GLN C 154 -11.66 -24.12 29.32
CA GLN C 154 -12.60 -24.70 30.30
C GLN C 154 -12.76 -26.21 30.19
N GLN C 155 -12.21 -26.78 29.14
CA GLN C 155 -12.21 -28.20 28.97
C GLN C 155 -10.86 -28.76 29.39
N LEU C 156 -9.93 -27.90 29.82
CA LEU C 156 -8.62 -28.36 30.31
C LEU C 156 -8.58 -28.40 31.83
N SER C 157 -7.47 -28.84 32.40
CA SER C 157 -7.30 -28.84 33.84
C SER C 157 -5.81 -28.72 34.21
N GLY C 158 -5.59 -28.48 35.50
CA GLY C 158 -4.24 -28.45 36.05
C GLY C 158 -3.53 -27.12 35.90
N GLU C 159 -2.22 -27.18 36.03
CA GLU C 159 -1.31 -26.03 35.91
C GLU C 159 -0.65 -25.94 34.53
N TRP C 160 -0.68 -24.74 33.95
CA TRP C 160 -0.07 -24.50 32.68
C TRP C 160 0.80 -23.25 32.76
N VAL C 161 1.79 -23.17 31.88
CA VAL C 161 2.45 -21.90 31.64
C VAL C 161 2.05 -21.35 30.27
N THR C 162 2.17 -20.04 30.13
CA THR C 162 1.76 -19.34 28.92
C THR C 162 2.99 -18.87 28.15
N VAL C 163 2.98 -19.02 26.83
CA VAL C 163 4.04 -18.48 25.96
C VAL C 163 3.43 -17.87 24.71
N GLY C 164 4.14 -16.87 24.17
CA GLY C 164 3.78 -16.34 22.85
C GLY C 164 3.09 -14.97 22.92
N THR C 165 3.05 -14.29 21.79
CA THR C 165 2.58 -12.92 21.75
C THR C 165 1.06 -12.81 21.88
N GLY C 166 0.36 -13.92 21.64
CA GLY C 166 -1.08 -14.04 21.89
C GLY C 166 -1.50 -13.55 23.30
N TRP C 167 -0.71 -13.90 24.30
CA TRP C 167 -1.02 -13.53 25.69
C TRP C 167 -0.77 -12.05 26.01
N GLN C 168 0.12 -11.41 25.25
CA GLN C 168 0.34 -9.95 25.37
C GLN C 168 -0.75 -9.16 24.73
N ALA C 169 -1.18 -9.61 23.57
CA ALA C 169 -2.25 -8.94 22.91
C ALA C 169 -3.51 -9.14 23.69
N TRP C 170 -3.68 -10.34 24.25
CA TRP C 170 -4.92 -10.63 24.98
C TRP C 170 -4.66 -11.19 26.37
N PRO C 171 -4.30 -10.33 27.30
CA PRO C 171 -3.80 -10.85 28.57
C PRO C 171 -4.90 -11.48 29.40
N ASP C 172 -6.16 -11.15 29.16
CA ASP C 172 -7.28 -11.81 29.85
C ASP C 172 -7.73 -13.11 29.18
N LEU C 173 -6.88 -13.73 28.38
CA LEU C 173 -7.35 -14.83 27.54
C LEU C 173 -7.91 -16.01 28.33
N GLY C 174 -7.33 -16.30 29.49
CA GLY C 174 -7.83 -17.37 30.36
C GLY C 174 -8.84 -16.99 31.45
N LYS C 175 -9.44 -15.80 31.37
CA LYS C 175 -10.44 -15.34 32.36
C LYS C 175 -11.51 -16.42 32.59
N GLU C 176 -11.72 -16.77 33.86
CA GLU C 176 -12.76 -17.71 34.25
C GLU C 176 -12.55 -19.11 33.64
N SER C 177 -11.30 -19.48 33.42
CA SER C 177 -10.97 -20.80 32.88
C SER C 177 -11.03 -21.91 33.94
N GLY C 178 -10.66 -21.58 35.17
CA GLY C 178 -10.47 -22.58 36.22
C GLY C 178 -9.07 -23.19 36.31
N LEU C 179 -8.12 -22.62 35.57
CA LEU C 179 -6.75 -23.11 35.53
C LEU C 179 -5.80 -22.19 36.30
N VAL C 180 -4.75 -22.77 36.85
CA VAL C 180 -3.64 -22.01 37.38
C VAL C 180 -2.69 -21.78 36.23
N LEU C 181 -2.49 -20.51 35.90
CA LEU C 181 -1.60 -20.10 34.80
C LEU C 181 -0.40 -19.34 35.33
N ARG C 182 0.80 -19.68 34.86
CA ARG C 182 1.95 -18.86 35.17
C ARG C 182 2.61 -18.44 33.89
N ASP C 183 3.30 -17.31 33.95
CA ASP C 183 4.08 -16.80 32.84
C ASP C 183 5.27 -17.68 32.42
N GLY C 184 5.26 -18.20 31.21
CA GLY C 184 6.36 -19.05 30.77
C GLY C 184 7.65 -18.33 30.39
N GLU C 185 7.55 -17.02 30.21
CA GLU C 185 8.70 -16.17 29.91
C GLU C 185 9.26 -16.37 28.50
N VAL C 186 8.42 -16.78 27.55
CA VAL C 186 8.85 -16.89 26.18
C VAL C 186 7.81 -16.21 25.31
N LEU C 187 8.24 -15.17 24.60
CA LEU C 187 7.36 -14.52 23.64
C LEU C 187 7.51 -15.02 22.22
N LEU C 188 8.72 -15.45 21.87
CA LEU C 188 9.06 -15.77 20.49
C LEU C 188 9.82 -17.09 20.40
N PRO C 189 9.71 -17.79 19.29
CA PRO C 189 10.48 -19.01 19.14
C PRO C 189 11.96 -18.72 18.85
N ALA C 190 12.84 -19.60 19.28
CA ALA C 190 14.26 -19.47 19.02
C ALA C 190 14.72 -20.75 18.34
N ALA C 191 15.57 -20.60 17.32
CA ALA C 191 16.13 -21.72 16.61
C ALA C 191 16.82 -22.68 17.53
N GLU C 192 17.43 -22.14 18.55
CA GLU C 192 18.08 -22.94 19.56
C GLU C 192 17.14 -23.95 20.16
N ASP C 193 15.90 -23.55 20.36
CA ASP C 193 14.92 -24.50 20.87
C ASP C 193 14.30 -25.43 19.83
N MET C 194 14.60 -25.23 18.53
CA MET C 194 14.17 -26.24 17.54
C MET C 194 15.12 -27.43 17.56
N LEU C 195 16.31 -27.27 18.15
CA LEU C 195 17.33 -28.29 18.01
C LEU C 195 17.01 -29.59 18.74
N PRO C 196 16.61 -29.53 20.01
CA PRO C 196 16.34 -30.81 20.62
C PRO C 196 15.23 -31.55 19.92
N ILE C 197 14.22 -30.82 19.44
CA ILE C 197 13.09 -31.45 18.73
C ILE C 197 13.61 -32.08 17.44
N ALA C 198 14.43 -31.34 16.68
CA ALA C 198 14.91 -31.82 15.38
C ALA C 198 15.82 -33.00 15.54
N CYS C 199 16.73 -32.92 16.52
CA CYS C 199 17.63 -34.09 16.78
C CYS C 199 16.82 -35.36 17.03
N GLN C 200 15.79 -35.25 17.82
CA GLN C 200 14.91 -36.39 18.11
C GLN C 200 14.26 -36.90 16.81
N MET C 201 13.69 -35.97 16.06
CA MET C 201 13.08 -36.32 14.78
C MET C 201 14.08 -37.00 13.84
N PHE C 202 15.30 -36.46 13.76
CA PHE C 202 16.29 -37.07 12.90
C PHE C 202 16.59 -38.51 13.30
N ALA C 203 16.79 -38.72 14.59
CA ALA C 203 17.11 -40.07 15.10
C ALA C 203 16.01 -41.04 14.71
N GLU C 204 14.76 -40.58 14.67
CA GLU C 204 13.62 -41.43 14.32
C GLU C 204 13.31 -41.48 12.82
N GLY C 205 14.03 -40.71 11.98
CA GLY C 205 13.78 -40.71 10.52
C GLY C 205 12.59 -39.85 10.08
N LYS C 206 12.21 -38.89 10.90
CA LYS C 206 11.18 -37.96 10.51
C LYS C 206 11.80 -36.74 9.77
N THR C 207 12.31 -36.98 8.57
CA THR C 207 12.83 -35.92 7.73
C THR C 207 12.06 -36.00 6.43
N VAL C 208 12.11 -34.92 5.65
CA VAL C 208 11.61 -34.95 4.26
C VAL C 208 12.61 -34.33 3.29
N ALA C 209 12.53 -34.81 2.06
CA ALA C 209 13.27 -34.19 0.97
C ALA C 209 12.74 -32.74 0.76
N VAL C 210 13.60 -31.89 0.21
CA VAL C 210 13.32 -30.45 0.05
C VAL C 210 12.05 -30.16 -0.71
N GLU C 211 11.71 -30.99 -1.67
CA GLU C 211 10.50 -30.76 -2.44
C GLU C 211 9.19 -31.06 -1.68
N HIS C 212 9.31 -31.55 -0.47
CA HIS C 212 8.12 -31.90 0.34
C HIS C 212 8.06 -31.05 1.57
N ALA C 213 9.03 -30.17 1.79
CA ALA C 213 8.96 -29.24 2.89
C ALA C 213 7.82 -28.22 2.70
N GLU C 214 6.92 -28.11 3.66
CA GLU C 214 5.79 -27.20 3.49
C GLU C 214 5.60 -26.29 4.70
N PRO C 215 5.13 -25.09 4.45
CA PRO C 215 4.74 -24.25 5.54
C PRO C 215 3.41 -24.69 6.17
N VAL C 216 3.21 -24.35 7.45
CA VAL C 216 1.95 -24.56 8.09
C VAL C 216 1.45 -23.17 8.45
N TYR C 217 0.47 -22.71 7.68
CA TYR C 217 -0.08 -21.39 7.89
C TYR C 217 -1.22 -21.34 8.90
N LEU C 218 -2.01 -22.42 8.99
CA LEU C 218 -3.17 -22.56 9.89
C LEU C 218 -4.31 -21.67 9.42
N ARG C 219 -4.06 -20.40 9.17
CA ARG C 219 -5.07 -19.56 8.51
C ARG C 219 -4.94 -19.73 6.99
N ASN C 220 -5.96 -20.33 6.38
CA ASN C 220 -6.00 -20.55 4.93
C ASN C 220 -7.15 -19.84 4.19
N ASN C 221 -8.00 -19.12 4.90
CA ASN C 221 -9.08 -18.32 4.31
C ASN C 221 -8.53 -16.92 4.01
N VAL C 222 -7.79 -16.77 2.93
CA VAL C 222 -6.91 -15.60 2.80
C VAL C 222 -7.11 -14.83 1.49
N ALA C 223 -8.23 -15.04 0.85
CA ALA C 223 -8.48 -14.40 -0.45
C ALA C 223 -9.47 -13.22 -0.33
N TRP C 224 -9.41 -12.28 -1.15
CA TRP C 224 -10.70 -11.66 -1.06
C TRP C 224 -11.60 -12.55 -1.88
N LYS C 225 -13.17 -11.96 -2.02
CA LYS C 225 -14.31 -12.72 -2.50
C LYS C 225 -14.14 -13.07 -4.00
N LYS C 226 -14.69 -14.21 -4.41
CA LYS C 226 -14.68 -14.62 -5.80
C LYS C 226 -15.66 -13.80 -6.60
N LEU C 227 -15.47 -13.77 -7.92
CA LEU C 227 -16.39 -13.08 -8.80
C LEU C 227 -17.71 -13.83 -8.73
N PRO C 228 -18.82 -13.12 -8.99
CA PRO C 228 -20.13 -13.74 -9.09
C PRO C 228 -20.10 -15.00 -9.94
N GLY C 229 -20.63 -16.11 -9.42
CA GLY C 229 -20.76 -17.37 -10.18
C GLY C 229 -19.52 -18.25 -10.28
N LYS C 230 -18.41 -17.77 -9.72
CA LYS C 230 -17.07 -18.35 -9.96
C LYS C 230 -16.50 -17.86 -11.31
N MET D 1 -23.40 14.55 -26.30
CA MET D 1 -22.36 14.30 -25.30
C MET D 1 -22.47 15.34 -24.19
N ARG D 2 -22.30 15.18 -22.95
CA ARG D 2 -22.50 15.91 -21.72
C ARG D 2 -21.23 15.88 -20.93
N ILE D 3 -20.78 16.94 -20.64
CA ILE D 3 -19.65 17.11 -19.73
C ILE D 3 -19.99 18.01 -18.53
N LEU D 4 -19.60 17.54 -17.33
CA LEU D 4 -19.76 18.34 -16.14
C LEU D 4 -18.41 18.79 -15.69
N ALA D 5 -18.29 20.08 -15.40
CA ALA D 5 -17.04 20.70 -14.97
C ALA D 5 -17.21 21.31 -13.56
N ILE D 6 -16.26 21.05 -12.68
CA ILE D 6 -16.22 21.75 -11.42
C ILE D 6 -14.86 22.32 -11.14
N ASP D 7 -14.85 23.46 -10.46
CA ASP D 7 -13.61 24.10 -10.04
C ASP D 7 -13.68 24.83 -8.73
N THR D 8 -12.69 24.57 -7.85
CA THR D 8 -12.52 25.25 -6.57
C THR D 8 -11.09 25.61 -6.23
N ALA D 9 -10.25 25.72 -7.22
CA ALA D 9 -8.80 25.91 -7.03
C ALA D 9 -8.40 27.28 -6.47
N THR D 10 -9.24 28.28 -6.67
CA THR D 10 -8.90 29.65 -6.28
C THR D 10 -10.06 30.16 -5.46
N GLU D 11 -10.23 31.48 -5.29
CA GLU D 11 -11.32 31.98 -4.45
C GLU D 11 -12.75 31.71 -5.00
N ALA D 12 -12.85 31.45 -6.29
CA ALA D 12 -14.11 31.12 -6.97
C ALA D 12 -14.57 29.69 -6.76
N CYS D 13 -15.89 29.45 -6.71
CA CYS D 13 -16.49 28.13 -6.99
C CYS D 13 -17.29 28.20 -8.29
N SER D 14 -17.09 27.25 -9.20
CA SER D 14 -17.92 27.21 -10.39
C SER D 14 -18.24 25.79 -10.77
N VAL D 15 -19.36 25.65 -11.46
CA VAL D 15 -19.78 24.42 -12.10
C VAL D 15 -20.37 24.79 -13.43
N ALA D 16 -20.18 23.93 -14.41
CA ALA D 16 -20.71 24.21 -15.73
C ALA D 16 -21.06 22.89 -16.36
N LEU D 17 -22.02 22.89 -17.25
CA LEU D 17 -22.46 21.69 -17.89
C LEU D 17 -22.56 21.91 -19.43
N TRP D 18 -21.97 20.99 -20.17
CA TRP D 18 -21.96 21.01 -21.63
C TRP D 18 -22.97 19.94 -22.08
N ASN D 19 -24.00 20.33 -22.82
CA ASN D 19 -24.90 19.36 -23.47
C ASN D 19 -24.90 19.53 -25.00
N ASP D 20 -24.04 18.77 -25.65
CA ASP D 20 -23.95 18.86 -27.08
C ASP D 20 -23.80 20.30 -27.58
N GLY D 21 -23.03 21.11 -26.86
CA GLY D 21 -22.78 22.50 -27.26
C GLY D 21 -23.49 23.56 -26.43
N THR D 22 -24.69 23.21 -25.92
CA THR D 22 -25.43 24.03 -24.95
C THR D 22 -24.82 24.07 -23.54
N VAL D 23 -24.60 25.26 -23.02
CA VAL D 23 -23.95 25.44 -21.73
C VAL D 23 -24.90 26.00 -20.64
N ASN D 24 -24.82 25.40 -19.46
CA ASN D 24 -25.50 25.91 -18.29
C ASN D 24 -24.36 26.07 -17.30
N ALA D 25 -24.19 27.25 -16.73
CA ALA D 25 -23.02 27.57 -15.89
C ALA D 25 -23.41 28.45 -14.71
N HIS D 26 -22.85 28.16 -13.55
CA HIS D 26 -22.92 29.08 -12.42
C HIS D 26 -21.47 29.37 -12.00
N PHE D 27 -21.25 30.59 -11.51
CA PHE D 27 -19.96 31.06 -10.96
C PHE D 27 -20.18 32.01 -9.81
N GLU D 28 -19.39 31.84 -8.76
CA GLU D 28 -19.41 32.79 -7.66
C GLU D 28 -18.14 32.75 -6.83
N LEU D 29 -17.92 33.81 -6.06
CA LEU D 29 -16.77 33.89 -5.17
C LEU D 29 -17.17 33.20 -3.85
N CYS D 30 -16.37 32.25 -3.36
CA CYS D 30 -16.65 31.50 -2.13
C CYS D 30 -15.52 31.49 -1.15
N PRO D 31 -14.81 32.59 -0.98
CA PRO D 31 -13.79 32.42 0.02
C PRO D 31 -14.44 31.90 1.35
N ARG D 32 -13.89 30.83 1.93
CA ARG D 32 -14.36 30.29 3.24
C ARG D 32 -15.59 29.40 3.14
N GLU D 33 -16.23 29.36 1.96
CA GLU D 33 -17.48 28.67 1.75
C GLU D 33 -17.46 27.55 0.66
N HIS D 34 -16.32 27.28 0.04
CA HIS D 34 -16.26 26.27 -1.06
C HIS D 34 -16.98 24.96 -0.70
N THR D 35 -16.72 24.44 0.49
CA THR D 35 -17.23 23.12 0.81
C THR D 35 -18.72 23.14 1.20
N GLN D 36 -19.24 24.31 1.58
CA GLN D 36 -20.66 24.54 1.74
C GLN D 36 -21.45 24.75 0.41
N ARG D 37 -20.79 25.20 -0.63
CA ARG D 37 -21.50 25.63 -1.85
C ARG D 37 -21.37 24.61 -2.99
N ILE D 38 -20.28 23.85 -2.99
CA ILE D 38 -19.93 23.08 -4.18
C ILE D 38 -20.96 22.03 -4.53
N LEU D 39 -21.43 21.24 -3.56
CA LEU D 39 -22.38 20.17 -3.93
C LEU D 39 -23.79 20.68 -4.22
N PRO D 40 -24.27 21.69 -3.44
CA PRO D 40 -25.51 22.42 -3.84
C PRO D 40 -25.43 22.99 -5.25
N MET D 41 -24.31 23.57 -5.63
CA MET D 41 -24.13 24.02 -7.03
C MET D 41 -24.19 22.85 -8.06
N VAL D 42 -23.53 21.74 -7.75
CA VAL D 42 -23.63 20.56 -8.65
C VAL D 42 -25.11 20.12 -8.75
N GLN D 43 -25.76 19.99 -7.59
CA GLN D 43 -27.12 19.51 -7.62
C GLN D 43 -28.02 20.47 -8.41
N ASP D 44 -27.85 21.77 -8.19
CA ASP D 44 -28.68 22.77 -8.84
C ASP D 44 -28.49 22.79 -10.37
N ILE D 45 -27.24 22.57 -10.82
CA ILE D 45 -26.94 22.63 -12.24
C ILE D 45 -27.52 21.40 -12.95
N LEU D 46 -27.50 20.24 -12.28
CA LEU D 46 -28.08 19.02 -12.82
C LEU D 46 -29.61 19.12 -12.93
N THR D 47 -30.25 19.57 -11.85
CA THR D 47 -31.70 19.68 -11.82
C THR D 47 -32.22 20.73 -12.79
N THR D 48 -31.65 21.93 -12.80
CA THR D 48 -32.08 22.98 -13.73
C THR D 48 -31.87 22.58 -15.19
N SER D 49 -30.95 21.66 -15.46
CA SER D 49 -30.77 21.20 -16.83
C SER D 49 -31.58 19.95 -17.07
N GLY D 50 -32.23 19.46 -16.03
CA GLY D 50 -32.99 18.20 -16.10
C GLY D 50 -32.16 17.01 -16.54
N THR D 51 -31.25 16.90 -15.95
CA THR D 51 -30.33 15.86 -16.36
C THR D 51 -29.71 15.27 -15.11
N SER D 52 -29.04 13.98 -15.07
CA SER D 52 -28.58 13.31 -13.88
C SER D 52 -27.16 12.87 -14.03
N LEU D 53 -26.56 12.58 -12.89
CA LEU D 53 -25.15 12.33 -12.85
C LEU D 53 -24.75 11.15 -13.73
N THR D 54 -25.64 10.18 -13.87
CA THR D 54 -25.23 9.00 -14.64
C THR D 54 -25.36 9.20 -16.18
N ASP D 55 -26.04 10.26 -16.60
CA ASP D 55 -26.07 10.67 -18.01
C ASP D 55 -24.78 11.43 -18.45
N ILE D 56 -23.89 11.72 -17.52
CA ILE D 56 -22.69 12.51 -17.86
C ILE D 56 -21.63 11.56 -18.47
N ASN D 57 -20.98 12.02 -19.54
CA ASN D 57 -19.98 11.20 -20.20
C ASN D 57 -18.59 11.44 -19.64
N ALA D 58 -18.38 12.58 -19.02
CA ALA D 58 -17.11 12.85 -18.35
C ALA D 58 -17.19 14.00 -17.36
N LEU D 59 -16.28 13.96 -16.40
CA LEU D 59 -16.21 14.88 -15.34
C LEU D 59 -14.88 15.57 -15.48
N ALA D 60 -14.91 16.86 -15.75
CA ALA D 60 -13.73 17.69 -15.86
C ALA D 60 -13.50 18.40 -14.56
N TYR D 61 -12.27 18.45 -14.08
CA TYR D 61 -11.98 19.06 -12.80
C TYR D 61 -10.80 20.05 -12.90
N GLY D 62 -10.82 21.09 -12.06
CA GLY D 62 -9.69 22.03 -11.92
C GLY D 62 -8.54 21.33 -11.27
N ARG D 63 -7.51 20.90 -12.05
CA ARG D 63 -6.44 20.14 -11.50
C ARG D 63 -5.41 20.95 -10.74
N GLY D 64 -5.47 22.26 -10.85
CA GLY D 64 -4.43 23.08 -10.26
C GLY D 64 -3.68 23.86 -11.32
N PRO D 65 -2.79 24.73 -10.91
CA PRO D 65 -2.37 25.00 -9.54
C PRO D 65 -3.30 25.99 -8.88
N GLY D 66 -3.08 26.22 -7.59
CA GLY D 66 -3.85 27.24 -6.91
C GLY D 66 -3.69 27.02 -5.43
N SER D 67 -4.78 27.24 -4.72
CA SER D 67 -4.78 26.93 -3.31
C SER D 67 -4.67 25.42 -3.12
N PHE D 68 -3.67 24.96 -2.40
CA PHE D 68 -3.47 23.54 -2.14
C PHE D 68 -4.76 22.95 -1.58
N THR D 69 -5.35 23.61 -0.58
CA THR D 69 -6.61 23.16 0.01
C THR D 69 -7.76 23.21 -1.02
N GLY D 70 -7.84 24.28 -1.80
CA GLY D 70 -8.88 24.41 -2.83
C GLY D 70 -8.72 23.33 -3.91
N VAL D 71 -7.52 23.19 -4.42
CA VAL D 71 -7.23 22.11 -5.36
C VAL D 71 -7.64 20.75 -4.82
N ARG D 72 -7.40 20.49 -3.53
CA ARG D 72 -7.79 19.17 -2.99
C ARG D 72 -9.32 19.10 -2.82
N ILE D 73 -9.96 20.21 -2.47
CA ILE D 73 -11.43 20.20 -2.40
C ILE D 73 -11.97 19.79 -3.76
N GLY D 74 -11.47 20.48 -4.78
CA GLY D 74 -11.89 20.23 -6.17
C GLY D 74 -11.73 18.80 -6.63
N ILE D 75 -10.57 18.21 -6.39
CA ILE D 75 -10.30 16.86 -6.82
C ILE D 75 -11.04 15.83 -5.93
N GLY D 76 -11.19 16.13 -4.65
CA GLY D 76 -11.89 15.22 -3.75
C GLY D 76 -13.37 15.12 -4.14
N ILE D 77 -14.01 16.27 -4.37
CA ILE D 77 -15.37 16.25 -4.83
C ILE D 77 -15.51 15.56 -6.17
N ALA D 78 -14.64 15.90 -7.12
CA ALA D 78 -14.69 15.28 -8.45
C ALA D 78 -14.49 13.76 -8.39
N GLN D 79 -13.59 13.32 -7.51
CA GLN D 79 -13.30 11.89 -7.39
C GLN D 79 -14.50 11.10 -6.78
N GLY D 80 -15.18 11.71 -5.81
CA GLY D 80 -16.33 11.04 -5.22
C GLY D 80 -17.43 10.90 -6.24
N LEU D 81 -17.67 11.99 -6.94
CA LEU D 81 -18.64 12.00 -8.00
C LEU D 81 -18.27 10.97 -9.05
N ALA D 82 -17.01 10.96 -9.48
CA ALA D 82 -16.67 10.08 -10.59
C ALA D 82 -16.65 8.62 -10.16
N LEU D 83 -16.07 8.34 -9.00
CA LEU D 83 -16.21 7.01 -8.41
C LEU D 83 -17.66 6.58 -8.39
N GLY D 84 -18.51 7.46 -7.88
CA GLY D 84 -19.89 7.09 -7.58
C GLY D 84 -20.74 6.77 -8.78
N ALA D 85 -20.62 7.60 -9.81
CA ALA D 85 -21.36 7.48 -11.05
C ALA D 85 -20.52 6.87 -12.16
N GLU D 86 -19.31 6.41 -11.87
CA GLU D 86 -18.46 5.72 -12.84
C GLU D 86 -18.15 6.58 -14.03
N LEU D 87 -17.60 7.75 -13.79
CA LEU D 87 -17.34 8.68 -14.85
C LEU D 87 -15.86 8.73 -15.14
N PRO D 88 -15.50 8.85 -16.41
CA PRO D 88 -14.12 9.20 -16.68
C PRO D 88 -13.88 10.67 -16.36
N MET D 89 -12.63 11.02 -16.11
CA MET D 89 -12.29 12.32 -15.62
C MET D 89 -11.29 13.00 -16.51
N ILE D 90 -11.31 14.34 -16.48
CA ILE D 90 -10.46 15.17 -17.34
C ILE D 90 -9.94 16.31 -16.50
N GLY D 91 -8.64 16.32 -16.21
CA GLY D 91 -7.99 17.39 -15.44
C GLY D 91 -7.65 18.59 -16.34
N VAL D 92 -8.00 19.78 -15.89
CA VAL D 92 -7.83 20.95 -16.70
C VAL D 92 -7.09 21.95 -15.88
N SER D 93 -6.02 22.52 -16.46
CA SER D 93 -5.20 23.50 -15.78
C SER D 93 -5.98 24.76 -15.51
N THR D 94 -5.83 25.30 -14.29
CA THR D 94 -6.43 26.57 -13.95
C THR D 94 -5.78 27.74 -14.74
N LEU D 95 -4.52 27.59 -15.14
CA LEU D 95 -3.89 28.63 -15.95
C LEU D 95 -4.46 28.63 -17.35
N MET D 96 -4.62 27.45 -17.93
CA MET D 96 -5.15 27.33 -19.29
C MET D 96 -6.62 27.75 -19.32
N THR D 97 -7.35 27.48 -18.25
CA THR D 97 -8.77 27.79 -18.17
C THR D 97 -8.91 29.30 -18.23
N MET D 98 -8.05 30.03 -17.53
CA MET D 98 -8.13 31.51 -17.59
C MET D 98 -7.79 32.00 -18.96
N ALA D 99 -6.87 31.32 -19.65
CA ALA D 99 -6.56 31.75 -21.03
C ALA D 99 -7.81 31.57 -21.87
N GLN D 100 -8.46 30.40 -21.75
CA GLN D 100 -9.68 30.14 -22.52
C GLN D 100 -10.73 31.21 -22.21
N GLY D 101 -10.85 31.60 -20.95
CA GLY D 101 -11.70 32.73 -20.56
C GLY D 101 -11.38 34.02 -21.29
N ALA D 102 -10.09 34.36 -21.38
CA ALA D 102 -9.69 35.55 -22.14
C ALA D 102 -10.07 35.45 -23.64
N TRP D 103 -9.87 34.27 -24.24
CA TRP D 103 -10.34 34.05 -25.62
C TRP D 103 -11.86 34.30 -25.67
N ARG D 104 -12.56 33.75 -25.03
CA ARG D 104 -13.96 34.03 -24.80
C ARG D 104 -14.19 35.46 -24.41
N LYS D 105 -13.80 36.08 -23.71
CA LYS D 105 -14.25 37.47 -23.48
C LYS D 105 -13.86 38.49 -24.53
N ASN D 106 -12.68 38.32 -25.12
CA ASN D 106 -12.12 39.38 -25.97
C ASN D 106 -11.23 38.87 -27.12
N GLY D 107 -11.32 37.59 -27.42
CA GLY D 107 -10.61 37.03 -28.55
C GLY D 107 -9.11 37.01 -28.33
N ALA D 108 -8.68 36.92 -27.10
CA ALA D 108 -7.26 36.86 -26.83
C ALA D 108 -6.63 35.53 -27.28
N THR D 109 -5.52 35.59 -27.94
CA THR D 109 -4.82 34.38 -28.36
C THR D 109 -3.44 34.17 -27.76
N ARG D 110 -2.91 35.16 -27.03
CA ARG D 110 -1.62 35.05 -26.39
C ARG D 110 -1.81 35.53 -24.98
N VAL D 111 -1.65 34.61 -24.02
CA VAL D 111 -2.07 34.88 -22.67
C VAL D 111 -0.93 34.59 -21.68
N LEU D 112 -0.61 35.58 -20.84
CA LEU D 112 0.33 35.36 -19.73
C LEU D 112 -0.50 35.20 -18.47
N ALA D 113 -0.58 33.95 -18.00
CA ALA D 113 -1.32 33.62 -16.83
C ALA D 113 -0.42 33.63 -15.63
N ALA D 114 -0.78 34.43 -14.61
CA ALA D 114 -0.11 34.48 -13.33
C ALA D 114 -1.14 34.36 -12.22
N ILE D 115 -0.96 33.38 -11.34
CA ILE D 115 -1.74 33.19 -10.12
C ILE D 115 -0.88 33.49 -8.91
N ASP D 116 -1.43 34.25 -7.95
CA ASP D 116 -0.74 34.52 -6.72
C ASP D 116 -0.54 33.22 -5.98
N ALA D 117 0.69 32.75 -5.91
CA ALA D 117 0.92 31.49 -5.20
C ALA D 117 1.22 31.69 -3.75
N ARG D 118 1.26 32.31 -3.29
CA ARG D 118 1.65 33.07 -2.09
C ARG D 118 3.19 33.19 -1.96
N MET D 119 3.87 33.38 -0.73
CA MET D 119 5.29 33.22 -0.48
C MET D 119 6.12 34.00 -1.48
N GLY D 120 5.59 35.13 -1.92
CA GLY D 120 6.29 36.00 -2.89
C GLY D 120 6.45 35.43 -4.30
N GLU D 121 5.63 34.44 -4.66
CA GLU D 121 5.79 33.78 -5.96
C GLU D 121 4.47 33.77 -6.72
N VAL D 122 4.54 33.38 -8.00
CA VAL D 122 3.35 33.17 -8.81
C VAL D 122 3.43 31.89 -9.59
N TYR D 123 2.26 31.40 -9.98
CA TYR D 123 2.13 30.26 -10.85
C TYR D 123 2.03 30.87 -12.24
N TRP D 124 2.88 30.40 -13.15
CA TRP D 124 3.11 31.09 -14.39
C TRP D 124 2.88 30.18 -15.56
N ALA D 125 2.36 30.77 -16.65
CA ALA D 125 2.29 30.12 -17.92
C ALA D 125 2.09 31.06 -19.09
N GLU D 126 2.56 30.59 -20.23
CA GLU D 126 2.55 31.31 -21.51
C GLU D 126 1.71 30.44 -22.41
N TYR D 127 0.46 30.84 -22.66
CA TYR D 127 -0.48 30.07 -23.48
C TYR D 127 -0.80 30.81 -24.78
N GLN D 128 -0.70 30.09 -25.88
CA GLN D 128 -0.96 30.64 -27.21
C GLN D 128 -1.87 29.70 -27.98
N ARG D 129 -2.92 30.29 -28.53
CA ARG D 129 -3.93 29.55 -29.24
C ARG D 129 -3.64 29.62 -30.75
N ASP D 130 -3.60 28.46 -31.38
CA ASP D 130 -3.41 28.33 -32.80
C ASP D 130 -4.72 28.40 -33.56
N GLU D 131 -4.61 28.19 -34.87
CA GLU D 131 -5.69 28.36 -35.81
C GLU D 131 -6.75 27.28 -35.67
N ASN D 132 -6.43 26.19 -34.98
CA ASN D 132 -7.43 25.15 -34.76
C ASN D 132 -8.05 25.17 -33.37
N GLY D 133 -7.78 26.23 -32.62
CA GLY D 133 -8.31 26.36 -31.26
C GLY D 133 -7.53 25.68 -30.13
N ILE D 134 -6.37 25.12 -30.46
CA ILE D 134 -5.59 24.41 -29.49
C ILE D 134 -4.68 25.37 -28.75
N TRP D 135 -4.65 25.23 -27.42
CA TRP D 135 -3.77 26.01 -26.54
C TRP D 135 -2.42 25.35 -26.36
N HIS D 136 -1.37 26.05 -26.75
CA HIS D 136 -0.02 25.57 -26.56
C HIS D 136 0.64 26.30 -25.37
N GLY D 137 1.52 25.62 -24.63
CA GLY D 137 2.23 26.28 -23.57
C GLY D 137 2.22 25.53 -22.26
N GLU D 138 1.58 24.38 -22.25
CA GLU D 138 1.50 23.61 -21.04
C GLU D 138 2.87 23.31 -20.43
N GLU D 139 3.87 23.14 -21.26
CA GLU D 139 5.24 22.93 -20.76
C GLU D 139 5.85 24.14 -19.99
N THR D 140 5.25 25.32 -20.12
CA THR D 140 5.78 26.52 -19.44
C THR D 140 5.28 26.70 -18.03
N GLU D 141 4.33 25.88 -17.59
CA GLU D 141 3.74 26.07 -16.25
C GLU D 141 4.78 25.88 -15.16
N ALA D 142 4.86 26.82 -14.25
CA ALA D 142 5.90 26.83 -13.19
C ALA D 142 5.52 27.79 -12.05
N VAL D 143 6.02 27.51 -10.85
CA VAL D 143 5.93 28.45 -9.76
C VAL D 143 7.25 29.26 -9.80
N LEU D 144 7.16 30.59 -9.72
CA LEU D 144 8.35 31.43 -9.93
C LEU D 144 8.30 32.71 -9.11
N LYS D 145 9.47 33.17 -8.69
CA LYS D 145 9.64 34.55 -8.20
C LYS D 145 9.46 35.61 -9.31
N PRO D 146 8.87 36.78 -8.99
CA PRO D 146 8.70 37.89 -9.94
C PRO D 146 9.96 38.29 -10.68
N GLU D 147 11.12 38.26 -10.05
CA GLU D 147 12.33 38.66 -10.76
C GLU D 147 12.71 37.64 -11.87
N ILE D 148 12.34 36.38 -11.67
CA ILE D 148 12.56 35.36 -12.66
C ILE D 148 11.51 35.49 -13.76
N VAL D 149 10.30 35.93 -13.38
CA VAL D 149 9.24 36.17 -14.36
C VAL D 149 9.70 37.32 -15.26
N HIS D 150 10.27 38.37 -14.65
CA HIS D 150 10.77 39.52 -15.37
C HIS D 150 11.81 39.08 -16.41
N GLU D 151 12.77 38.26 -16.01
CA GLU D 151 13.75 37.70 -16.95
C GLU D 151 13.12 36.89 -18.08
N ARG D 152 12.12 36.08 -17.76
CA ARG D 152 11.46 35.31 -18.76
C ARG D 152 10.70 36.20 -19.73
N MET D 153 10.06 37.24 -19.24
CA MET D 153 9.25 38.10 -20.12
C MET D 153 10.16 38.78 -21.16
N GLN D 154 11.41 39.02 -20.77
CA GLN D 154 12.43 39.64 -21.60
C GLN D 154 12.98 38.73 -22.69
N GLN D 155 12.80 37.44 -22.51
CA GLN D 155 13.02 36.49 -23.60
C GLN D 155 11.78 36.32 -24.53
N LEU D 156 10.63 36.91 -24.17
CA LEU D 156 9.41 36.84 -25.00
C LEU D 156 9.31 38.06 -25.90
N SER D 157 8.34 38.07 -26.82
CA SER D 157 8.11 39.23 -27.65
C SER D 157 6.63 39.46 -27.95
N GLY D 158 6.34 40.67 -28.38
CA GLY D 158 5.08 40.99 -28.96
C GLY D 158 4.05 41.37 -27.92
N GLU D 159 2.79 41.20 -28.29
CA GLU D 159 1.66 41.60 -27.50
C GLU D 159 1.10 40.34 -26.81
N TRP D 160 0.77 40.51 -25.55
CA TRP D 160 0.18 39.47 -24.74
C TRP D 160 -0.95 40.04 -23.90
N VAL D 161 -1.87 39.20 -23.51
CA VAL D 161 -2.95 39.56 -22.61
C VAL D 161 -2.65 38.94 -21.25
N THR D 162 -2.96 39.65 -20.17
CA THR D 162 -2.65 39.14 -18.82
C THR D 162 -3.87 38.63 -18.07
N VAL D 163 -3.76 37.45 -17.48
CA VAL D 163 -4.82 36.92 -16.62
C VAL D 163 -4.32 36.42 -15.26
N GLY D 164 -5.18 36.53 -14.24
CA GLY D 164 -4.99 35.86 -12.94
C GLY D 164 -4.62 36.81 -11.81
N THR D 165 -4.78 36.36 -10.57
CA THR D 165 -4.45 37.17 -9.38
C THR D 165 -2.95 37.54 -9.24
N GLY D 166 -2.08 36.80 -9.91
CA GLY D 166 -0.67 37.20 -9.89
C GLY D 166 -0.44 38.66 -10.29
N TRP D 167 -1.18 39.13 -11.32
CA TRP D 167 -1.04 40.51 -11.84
C TRP D 167 -1.59 41.54 -10.88
N GLN D 168 -2.49 41.08 -10.04
CA GLN D 168 -3.15 41.91 -9.03
C GLN D 168 -2.27 42.16 -7.82
N ALA D 169 -1.66 41.08 -7.38
CA ALA D 169 -0.65 41.16 -6.32
C ALA D 169 0.59 41.94 -6.79
N TRP D 170 0.98 41.74 -8.05
CA TRP D 170 2.19 42.34 -8.63
C TRP D 170 1.88 43.11 -9.93
N PRO D 171 1.19 44.26 -9.81
CA PRO D 171 0.78 44.97 -11.02
C PRO D 171 1.92 45.48 -11.88
N ASP D 172 3.13 45.65 -11.31
CA ASP D 172 4.32 46.02 -12.09
C ASP D 172 5.15 44.83 -12.60
N LEU D 173 4.52 43.70 -12.75
CA LEU D 173 5.21 42.51 -13.19
C LEU D 173 5.78 42.68 -14.60
N GLY D 174 5.02 43.31 -15.46
CA GLY D 174 5.49 43.60 -16.78
C GLY D 174 6.60 44.62 -17.04
N LYS D 175 6.99 45.38 -16.03
CA LYS D 175 7.88 46.51 -16.22
C LYS D 175 9.22 46.16 -16.83
N GLU D 176 9.64 47.02 -17.76
CA GLU D 176 10.84 46.82 -18.59
C GLU D 176 10.93 45.46 -19.26
N SER D 177 9.81 44.95 -19.75
CA SER D 177 9.79 43.63 -20.32
C SER D 177 10.12 43.70 -21.81
N GLY D 178 9.81 44.83 -22.45
CA GLY D 178 9.73 44.89 -23.90
C GLY D 178 8.38 44.51 -24.52
N LEU D 179 7.43 44.04 -23.71
CA LEU D 179 6.19 43.53 -24.23
C LEU D 179 5.08 44.57 -24.17
N VAL D 180 4.13 44.46 -25.07
CA VAL D 180 2.92 45.20 -24.97
C VAL D 180 1.93 44.29 -24.25
N LEU D 181 1.45 44.75 -23.10
CA LEU D 181 0.62 43.91 -22.23
C LEU D 181 -0.76 44.52 -22.16
N ARG D 182 -1.79 43.73 -22.43
CA ARG D 182 -3.17 44.19 -22.29
C ARG D 182 -3.90 43.38 -21.21
N ASP D 183 -4.76 44.07 -20.49
CA ASP D 183 -5.57 43.48 -19.44
C ASP D 183 -6.53 42.44 -20.04
N GLY D 184 -6.38 41.19 -19.67
CA GLY D 184 -7.26 40.16 -20.18
C GLY D 184 -8.62 40.07 -19.51
N GLU D 185 -8.84 40.86 -18.45
CA GLU D 185 -10.12 40.90 -17.75
C GLU D 185 -10.53 39.51 -17.15
N VAL D 186 -9.56 38.67 -16.81
CA VAL D 186 -9.88 37.42 -16.14
C VAL D 186 -8.97 37.31 -14.98
N LEU D 187 -9.54 37.24 -13.78
CA LEU D 187 -8.77 37.07 -12.56
C LEU D 187 -8.72 35.66 -12.03
N LEU D 188 -9.79 34.92 -12.31
CA LEU D 188 -10.07 33.62 -11.71
C LEU D 188 -10.59 32.66 -12.79
N PRO D 189 -10.30 31.37 -12.68
CA PRO D 189 -10.80 30.39 -13.63
C PRO D 189 -12.32 30.11 -13.43
N ALA D 190 -13.02 29.83 -14.50
CA ALA D 190 -14.43 29.53 -14.52
C ALA D 190 -14.67 28.12 -15.12
N ALA D 191 -15.48 27.31 -14.47
CA ALA D 191 -15.78 25.98 -15.04
C ALA D 191 -16.29 26.08 -16.47
N GLU D 192 -17.04 27.12 -16.74
CA GLU D 192 -17.53 27.35 -18.09
C GLU D 192 -16.40 27.22 -19.12
N ASP D 193 -15.23 27.78 -18.82
CA ASP D 193 -14.15 27.77 -19.79
C ASP D 193 -13.36 26.46 -19.72
N MET D 194 -13.63 25.63 -18.74
CA MET D 194 -13.06 24.28 -18.82
C MET D 194 -13.78 23.42 -19.84
N LEU D 195 -15.01 23.75 -20.20
CA LEU D 195 -15.75 22.86 -21.05
C LEU D 195 -15.20 22.68 -22.48
N PRO D 196 -14.85 23.76 -23.17
CA PRO D 196 -14.37 23.46 -24.54
C PRO D 196 -13.03 22.71 -24.54
N ILE D 197 -12.18 22.95 -23.53
CA ILE D 197 -10.90 22.25 -23.40
C ILE D 197 -11.21 20.77 -23.12
N ALA D 198 -12.13 20.55 -22.19
CA ALA D 198 -12.52 19.20 -21.86
C ALA D 198 -13.12 18.45 -23.05
N CYS D 199 -13.90 19.13 -23.88
CA CYS D 199 -14.48 18.50 -25.05
C CYS D 199 -13.39 18.02 -26.00
N GLN D 200 -12.44 18.89 -26.28
CA GLN D 200 -11.35 18.52 -27.17
C GLN D 200 -10.54 17.34 -26.63
N MET D 201 -10.29 17.33 -25.31
CA MET D 201 -9.61 16.21 -24.68
C MET D 201 -10.42 14.92 -24.72
N PHE D 202 -11.73 15.03 -24.52
CA PHE D 202 -12.59 13.85 -24.70
C PHE D 202 -12.49 13.35 -26.11
N ALA D 203 -12.52 14.24 -27.08
CA ALA D 203 -12.52 13.80 -28.49
C ALA D 203 -11.22 13.05 -28.82
N GLU D 204 -10.17 13.35 -28.08
CA GLU D 204 -8.88 12.74 -28.32
C GLU D 204 -8.59 11.51 -27.44
N GLY D 205 -9.53 11.11 -26.58
CA GLY D 205 -9.30 10.01 -25.61
C GLY D 205 -8.35 10.35 -24.44
N LYS D 206 -8.09 11.64 -24.23
CA LYS D 206 -7.31 12.03 -23.08
C LYS D 206 -8.21 12.21 -21.79
N THR D 207 -8.88 11.12 -21.42
CA THR D 207 -9.60 11.02 -20.16
C THR D 207 -8.92 9.95 -19.28
N VAL D 208 -9.20 9.98 -17.98
CA VAL D 208 -8.71 8.91 -17.09
C VAL D 208 -9.76 8.38 -16.13
N ALA D 209 -9.51 7.17 -15.66
CA ALA D 209 -10.27 6.60 -14.55
C ALA D 209 -9.95 7.39 -13.28
N VAL D 210 -10.93 7.43 -12.41
CA VAL D 210 -10.85 8.18 -11.15
C VAL D 210 -9.59 7.91 -10.31
N GLU D 211 -9.10 6.68 -10.29
CA GLU D 211 -7.83 6.37 -9.63
C GLU D 211 -6.52 7.00 -10.25
N HIS D 212 -6.64 7.62 -11.42
CA HIS D 212 -5.51 8.25 -12.04
C HIS D 212 -5.60 9.77 -12.03
N ALA D 213 -6.73 10.33 -11.60
CA ALA D 213 -6.82 11.78 -11.46
C ALA D 213 -5.80 12.30 -10.47
N GLU D 214 -5.01 13.28 -10.86
CA GLU D 214 -3.99 13.87 -9.99
C GLU D 214 -4.04 15.36 -10.01
N PRO D 215 -3.81 15.97 -8.84
CA PRO D 215 -3.70 17.41 -8.76
C PRO D 215 -2.36 17.87 -9.31
N VAL D 216 -2.30 19.08 -9.84
CA VAL D 216 -1.03 19.66 -10.19
C VAL D 216 -0.78 20.82 -9.25
N TYR D 217 0.23 20.70 -8.39
CA TYR D 217 0.46 21.70 -7.35
C TYR D 217 1.52 22.74 -7.74
N LEU D 218 2.51 22.31 -8.53
CA LEU D 218 3.66 23.12 -9.04
C LEU D 218 4.66 23.48 -7.93
N ARG D 219 4.19 24.04 -6.82
CA ARG D 219 5.04 24.11 -5.65
C ARG D 219 5.06 22.75 -4.92
N ASN D 220 6.21 22.10 -4.90
CA ASN D 220 6.39 20.80 -4.28
C ASN D 220 7.41 20.83 -3.19
N ASN D 221 7.92 22.03 -2.94
CA ASN D 221 8.81 22.26 -1.81
C ASN D 221 8.00 22.76 -0.62
N VAL D 222 7.43 21.84 0.13
CA VAL D 222 6.36 22.24 1.08
C VAL D 222 6.50 21.72 2.50
N ALA D 223 7.52 20.91 2.74
CA ALA D 223 7.83 20.45 4.07
C ALA D 223 8.66 21.51 4.79
N TRP D 224 8.96 21.26 6.06
CA TRP D 224 10.02 21.97 6.75
C TRP D 224 11.31 21.16 6.68
N LYS D 225 12.37 21.60 7.33
CA LYS D 225 13.61 20.88 7.24
C LYS D 225 13.55 19.47 7.86
N LYS D 226 14.21 18.50 7.24
CA LYS D 226 14.38 17.19 7.86
C LYS D 226 15.31 17.22 9.04
N LEU D 227 15.25 16.18 9.85
CA LEU D 227 16.17 16.08 10.97
C LEU D 227 17.56 15.88 10.41
N PRO D 228 18.56 16.14 11.26
CA PRO D 228 19.93 15.79 10.96
C PRO D 228 20.07 14.32 10.62
N GLY D 229 20.17 13.99 9.33
CA GLY D 229 20.40 12.62 8.87
C GLY D 229 19.97 12.39 7.44
#